data_5V7I
#
_entry.id   5V7I
#
_cell.length_a   160.140
_cell.length_b   160.140
_cell.length_c   210.100
_cell.angle_alpha   90.00
_cell.angle_beta   90.00
_cell.angle_gamma   120.00
#
_symmetry.space_group_name_H-M   'P 65 2 2'
#
loop_
_entity.id
_entity.type
_entity.pdbx_description
1 polymer 'Serine hydroxymethyltransferase, mitochondrial'
2 non-polymer (4R)-6-amino-3-methyl-4-(propan-2-yl)-4-[3-(pyrrolidin-1-yl)-5-(trifluoromethyl)phenyl]-1,4-dihydropyrano[2,3-c]pyrazole-5-carbonitrile
3 non-polymer GLYCEROL
4 non-polymer DI(HYDROXYETHYL)ETHER
5 non-polymer GLYCINE
6 water water
#
_entity_poly.entity_id   1
_entity_poly.type   'polypeptide(L)'
_entity_poly.pdbx_seq_one_letter_code
;SNAAQTQTGEANRGWTGQESLSDSDPEMWELLQREKDRQCRGLELIASENFCSRAALEALGSCLNNKYSEGYPGKRYYGG
AEVVDEIELLCQRRALEAFDLDPAQWGVNVQPYSGSPANLAVYTALLQPHDRIMGLDLPDGGHLTHGYMSDVKRISATSI
FFESMPYKLNPKTGLIDYNQLALTARLFRPRLIIAGTSAYARLIDYARMREVCDEVKAHLLADMAHISGLVAAKVIPSPF
KHADIVTTTTH(LLP)TLRGARSGLIFYRKGVKAVDPKTGREIPYTFEDRINFAVFPSLQGGPHNHAIAAVAVALKQACT
PMFREYSLQVLKNARAMADALLERGYSLVSGGTDNHLVLVDLRPKGLDGARAERVLELVSITANKNTCPGDRSAITPGGL
RLGAPALTSRQFREDDFRRVVDFIDEGVNIGLEVKSKTAKLQDFKSFLLKDSETSQRLANLRQRVEQFARAFPMPGFDEH
;
_entity_poly.pdbx_strand_id   A,B
#
loop_
_chem_comp.id
_chem_comp.type
_chem_comp.name
_chem_comp.formula
8Z1 non-polymer (4R)-6-amino-3-methyl-4-(propan-2-yl)-4-[3-(pyrrolidin-1-yl)-5-(trifluoromethyl)phenyl]-1,4-dihydropyrano[2,3-c]pyrazole-5-carbonitrile 'C22 H24 F3 N5 O'
GOL non-polymer GLYCEROL 'C3 H8 O3'
PEG non-polymer DI(HYDROXYETHYL)ETHER 'C4 H10 O3'
#
# COMPACT_ATOMS: atom_id res chain seq x y z
N TRP A 15 -26.26 3.51 14.61
CA TRP A 15 -24.88 3.59 14.02
C TRP A 15 -24.62 4.93 13.34
N THR A 16 -23.71 5.70 13.92
CA THR A 16 -23.26 6.98 13.36
C THR A 16 -21.93 6.87 12.64
N GLY A 17 -21.17 5.80 12.93
CA GLY A 17 -19.76 5.75 12.57
C GLY A 17 -18.92 6.82 13.27
N GLN A 18 -19.37 7.30 14.43
CA GLN A 18 -18.62 8.25 15.26
C GLN A 18 -18.31 7.68 16.65
N GLU A 19 -18.52 6.37 16.81
CA GLU A 19 -18.26 5.70 18.07
C GLU A 19 -16.75 5.50 18.22
N SER A 20 -16.28 5.34 19.45
CA SER A 20 -14.88 5.04 19.70
C SER A 20 -14.64 3.56 19.44
N LEU A 21 -13.42 3.21 19.05
CA LEU A 21 -13.01 1.82 18.88
C LEU A 21 -13.18 1.01 20.17
N SER A 22 -12.82 1.62 21.30
CA SER A 22 -12.95 0.98 22.61
C SER A 22 -14.38 0.48 22.90
N ASP A 23 -15.36 1.34 22.66
CA ASP A 23 -16.78 0.97 22.78
C ASP A 23 -17.22 0.07 21.64
N SER A 24 -16.88 0.48 20.41
CA SER A 24 -17.33 -0.18 19.18
C SER A 24 -16.83 -1.61 19.02
N ASP A 25 -15.51 -1.79 19.12
CA ASP A 25 -14.86 -3.09 18.97
C ASP A 25 -13.90 -3.33 20.15
N PRO A 26 -14.44 -3.82 21.29
CA PRO A 26 -13.56 -4.04 22.45
C PRO A 26 -12.46 -5.10 22.25
N GLU A 27 -12.71 -6.13 21.43
CA GLU A 27 -11.70 -7.17 21.18
C GLU A 27 -10.48 -6.60 20.44
N MET A 28 -10.72 -5.78 19.42
CA MET A 28 -9.64 -5.12 18.71
C MET A 28 -8.91 -4.10 19.60
N TRP A 29 -9.67 -3.41 20.44
CA TRP A 29 -9.10 -2.42 21.36
C TRP A 29 -8.12 -3.04 22.35
N GLU A 30 -8.47 -4.21 22.89
CA GLU A 30 -7.59 -4.93 23.80
C GLU A 30 -6.33 -5.46 23.09
N LEU A 31 -6.43 -5.78 21.80
CA LEU A 31 -5.26 -6.18 21.02
C LEU A 31 -4.32 -5.00 20.78
N LEU A 32 -4.87 -3.85 20.41
CA LEU A 32 -4.07 -2.64 20.30
C LEU A 32 -3.34 -2.32 21.60
N GLN A 33 -4.03 -2.51 22.73
CA GLN A 33 -3.46 -2.17 24.03
C GLN A 33 -2.30 -3.08 24.42
N ARG A 34 -2.43 -4.37 24.13
CA ARG A 34 -1.36 -5.33 24.34
C ARG A 34 -0.11 -5.03 23.49
N GLU A 35 -0.32 -4.65 22.24
CA GLU A 35 0.78 -4.24 21.37
C GLU A 35 1.45 -2.96 21.90
N LYS A 36 0.66 -2.00 22.37
CA LYS A 36 1.25 -0.78 22.94
C LYS A 36 2.11 -1.09 24.16
N ASP A 37 1.64 -2.02 24.99
CA ASP A 37 2.39 -2.48 26.16
C ASP A 37 3.68 -3.21 25.79
N ARG A 38 3.59 -4.10 24.80
CA ARG A 38 4.75 -4.82 24.27
C ARG A 38 5.83 -3.87 23.72
N GLN A 39 5.40 -2.84 23.00
CA GLN A 39 6.32 -1.85 22.43
C GLN A 39 6.98 -1.01 23.52
N CYS A 40 6.17 -0.55 24.47
CA CYS A 40 6.65 0.24 25.60
C CYS A 40 7.64 -0.49 26.51
N ARG A 41 7.38 -1.77 26.75
CA ARG A 41 8.21 -2.58 27.66
C ARG A 41 9.39 -3.30 26.99
N GLY A 42 9.52 -3.17 25.68
CA GLY A 42 10.56 -3.88 24.94
C GLY A 42 11.75 -3.00 24.63
N LEU A 43 12.85 -3.65 24.31
CA LEU A 43 14.00 -2.98 23.74
C LEU A 43 14.01 -3.34 22.27
N GLU A 44 13.64 -2.37 21.44
CA GLU A 44 13.47 -2.59 20.01
C GLU A 44 14.78 -2.34 19.29
N LEU A 45 15.43 -3.41 18.85
CA LEU A 45 16.73 -3.32 18.17
C LEU A 45 16.68 -3.74 16.71
N ILE A 46 15.47 -3.87 16.15
CA ILE A 46 15.33 -4.15 14.73
C ILE A 46 15.67 -2.86 14.01
N ALA A 47 16.66 -2.91 13.13
CA ALA A 47 17.19 -1.70 12.48
C ALA A 47 16.19 -1.01 11.55
N SER A 48 15.23 -1.77 11.04
CA SER A 48 14.14 -1.23 10.21
C SER A 48 12.99 -0.59 11.00
N GLU A 49 12.97 -0.70 12.33
CA GLU A 49 11.86 -0.16 13.14
C GLU A 49 12.09 1.26 13.62
N ASN A 50 10.98 1.95 13.83
CA ASN A 50 10.99 3.22 14.54
C ASN A 50 9.65 3.40 15.24
N PHE A 51 9.46 4.53 15.90
CA PHE A 51 8.21 4.85 16.56
C PHE A 51 7.69 6.16 15.99
N CYS A 52 6.52 6.09 15.35
N CYS A 52 6.53 6.09 15.33
CA CYS A 52 5.96 7.22 14.63
CA CYS A 52 5.92 7.23 14.65
C CYS A 52 5.37 8.25 15.59
C CYS A 52 5.42 8.27 15.63
N SER A 53 5.50 9.53 15.24
CA SER A 53 4.94 10.63 16.01
C SER A 53 3.41 10.56 16.01
N ARG A 54 2.81 11.06 17.09
CA ARG A 54 1.36 11.17 17.19
C ARG A 54 0.82 12.08 16.09
N ALA A 55 1.54 13.16 15.80
CA ALA A 55 1.15 14.09 14.75
C ALA A 55 0.94 13.38 13.41
N ALA A 56 1.94 12.58 13.02
CA ALA A 56 1.86 11.78 11.79
C ALA A 56 0.73 10.75 11.81
N LEU A 57 0.59 10.04 12.93
CA LEU A 57 -0.47 9.04 13.09
C LEU A 57 -1.91 9.63 13.09
N GLU A 58 -2.05 10.89 13.51
CA GLU A 58 -3.34 11.59 13.44
C GLU A 58 -3.76 11.83 11.98
N ALA A 59 -2.81 12.29 11.16
CA ALA A 59 -3.06 12.44 9.72
C ALA A 59 -3.43 11.11 9.08
N LEU A 60 -2.75 10.06 9.52
CA LEU A 60 -2.98 8.72 8.99
C LEU A 60 -4.40 8.19 9.20
N GLY A 61 -5.00 8.51 10.36
CA GLY A 61 -6.36 8.11 10.68
C GLY A 61 -7.31 9.27 10.54
N SER A 62 -7.31 9.90 9.36
CA SER A 62 -8.10 11.09 9.10
C SER A 62 -9.12 10.82 7.99
N CYS A 63 -9.89 11.85 7.63
CA CYS A 63 -10.91 11.75 6.59
C CYS A 63 -10.32 11.66 5.19
N LEU A 64 -9.01 11.92 5.05
CA LEU A 64 -8.30 11.73 3.80
C LEU A 64 -8.39 10.29 3.25
N ASN A 65 -8.60 9.32 4.14
CA ASN A 65 -8.95 7.95 3.71
C ASN A 65 -10.21 7.87 2.83
N ASN A 66 -11.11 8.84 2.94
CA ASN A 66 -12.38 8.82 2.21
C ASN A 66 -12.33 9.31 0.77
N LYS A 67 -11.20 9.88 0.33
CA LYS A 67 -11.12 10.50 -0.99
C LYS A 67 -10.40 9.61 -2.01
N TYR A 68 -10.97 9.52 -3.22
CA TYR A 68 -10.33 8.86 -4.37
C TYR A 68 -9.76 9.98 -5.23
N SER A 69 -8.46 9.92 -5.49
CA SER A 69 -7.76 10.95 -6.26
C SER A 69 -6.80 10.34 -7.28
N GLU A 70 -7.29 9.35 -8.03
CA GLU A 70 -6.51 8.72 -9.10
C GLU A 70 -6.00 9.79 -10.07
N GLY A 71 -4.74 9.66 -10.47
CA GLY A 71 -4.04 10.69 -11.23
C GLY A 71 -3.13 11.52 -10.35
N TYR A 72 -2.86 12.75 -10.77
CA TYR A 72 -1.91 13.65 -10.11
C TYR A 72 -2.55 15.02 -9.92
N PRO A 73 -1.95 15.89 -9.07
CA PRO A 73 -2.49 17.24 -8.86
C PRO A 73 -2.77 18.01 -10.14
N GLY A 74 -3.98 18.55 -10.25
CA GLY A 74 -4.44 19.25 -11.46
C GLY A 74 -4.76 18.37 -12.65
N LYS A 75 -4.53 17.07 -12.53
CA LYS A 75 -4.69 16.11 -13.63
C LYS A 75 -5.34 14.85 -13.07
N ARG A 76 -6.45 15.05 -12.36
CA ARG A 76 -7.17 13.97 -11.70
C ARG A 76 -8.26 13.41 -12.61
N TYR A 77 -8.71 12.22 -12.27
CA TYR A 77 -9.74 11.51 -13.01
C TYR A 77 -11.14 11.81 -12.45
N TYR A 78 -11.22 12.09 -11.15
CA TYR A 78 -12.40 12.66 -10.51
C TYR A 78 -12.15 14.11 -10.06
N GLY A 79 -13.23 14.83 -9.76
CA GLY A 79 -13.15 16.18 -9.20
C GLY A 79 -13.30 16.20 -7.68
N GLY A 80 -13.39 17.40 -7.13
CA GLY A 80 -13.49 17.58 -5.67
C GLY A 80 -12.19 17.27 -4.96
N ALA A 81 -11.08 17.40 -5.70
CA ALA A 81 -9.76 17.02 -5.22
C ALA A 81 -8.86 18.22 -4.91
N GLU A 82 -9.44 19.42 -4.77
CA GLU A 82 -8.63 20.64 -4.58
C GLU A 82 -7.78 20.63 -3.30
N VAL A 83 -8.28 20.00 -2.23
CA VAL A 83 -7.55 19.96 -0.96
C VAL A 83 -6.47 18.85 -1.00
N VAL A 84 -6.84 17.65 -1.44
CA VAL A 84 -5.84 16.56 -1.62
C VAL A 84 -4.72 16.92 -2.62
N ASP A 85 -5.05 17.72 -3.63
CA ASP A 85 -4.04 18.30 -4.53
C ASP A 85 -3.03 19.14 -3.75
N GLU A 86 -3.54 20.00 -2.88
CA GLU A 86 -2.66 20.81 -2.01
C GLU A 86 -1.84 19.95 -1.07
N ILE A 87 -2.43 18.88 -0.54
CA ILE A 87 -1.70 17.97 0.34
C ILE A 87 -0.59 17.22 -0.42
N GLU A 88 -0.89 16.70 -1.61
CA GLU A 88 0.11 15.99 -2.41
C GLU A 88 1.24 16.92 -2.87
N LEU A 89 0.89 18.11 -3.34
CA LEU A 89 1.89 19.12 -3.72
C LEU A 89 2.73 19.57 -2.53
N LEU A 90 2.12 19.64 -1.35
CA LEU A 90 2.82 20.02 -0.11
C LEU A 90 3.79 18.92 0.28
N CYS A 91 3.33 17.67 0.24
CA CYS A 91 4.19 16.51 0.50
C CYS A 91 5.39 16.45 -0.45
N GLN A 92 5.16 16.79 -1.71
CA GLN A 92 6.24 16.89 -2.70
C GLN A 92 7.26 17.97 -2.37
N ARG A 93 6.79 19.17 -2.04
CA ARG A 93 7.68 20.29 -1.67
C ARG A 93 8.52 19.94 -0.45
N ARG A 94 7.86 19.42 0.60
CA ARG A 94 8.54 19.02 1.83
C ARG A 94 9.52 17.84 1.63
N ALA A 95 9.22 16.96 0.68
CA ALA A 95 10.13 15.87 0.32
C ALA A 95 11.43 16.42 -0.28
N LEU A 96 11.30 17.31 -1.26
CA LEU A 96 12.47 17.93 -1.87
C LEU A 96 13.25 18.79 -0.87
N GLU A 97 12.55 19.44 0.05
CA GLU A 97 13.17 20.29 1.08
C GLU A 97 13.92 19.45 2.12
N ALA A 98 13.34 18.31 2.53
CA ALA A 98 13.99 17.39 3.47
C ALA A 98 15.34 16.88 2.98
N PHE A 99 15.48 16.70 1.68
CA PHE A 99 16.70 16.19 1.08
C PHE A 99 17.48 17.27 0.30
N ASP A 100 17.09 18.53 0.50
CA ASP A 100 17.81 19.71 -0.01
C ASP A 100 18.02 19.64 -1.52
N LEU A 101 16.92 19.40 -2.23
CA LEU A 101 16.95 19.18 -3.67
C LEU A 101 16.39 20.39 -4.39
N ASP A 102 17.03 20.75 -5.50
CA ASP A 102 16.55 21.82 -6.37
C ASP A 102 15.36 21.27 -7.17
N PRO A 103 14.16 21.91 -7.07
CA PRO A 103 13.02 21.47 -7.89
C PRO A 103 13.24 21.51 -9.41
N ALA A 104 14.14 22.40 -9.87
CA ALA A 104 14.59 22.41 -11.26
C ALA A 104 15.37 21.15 -11.65
N GLN A 105 16.12 20.59 -10.69
CA GLN A 105 16.94 19.39 -10.93
C GLN A 105 16.32 18.05 -10.49
N TRP A 106 15.40 18.09 -9.52
CA TRP A 106 14.80 16.87 -8.95
C TRP A 106 13.28 17.00 -8.85
N GLY A 107 12.59 15.90 -9.12
CA GLY A 107 11.16 15.77 -8.85
C GLY A 107 10.95 14.54 -7.99
N VAL A 108 9.75 14.41 -7.41
CA VAL A 108 9.43 13.29 -6.52
C VAL A 108 7.98 12.84 -6.68
N ASN A 109 7.78 11.53 -6.70
CA ASN A 109 6.46 10.92 -6.65
C ASN A 109 6.20 10.46 -5.22
N VAL A 110 5.08 10.87 -4.64
CA VAL A 110 4.76 10.57 -3.23
C VAL A 110 3.64 9.55 -3.06
N GLN A 111 3.23 8.88 -4.14
CA GLN A 111 2.13 7.91 -4.09
C GLN A 111 2.45 6.45 -3.82
N PRO A 112 3.73 6.00 -3.95
CA PRO A 112 3.91 4.55 -3.73
C PRO A 112 3.41 4.08 -2.36
N TYR A 113 2.72 2.94 -2.34
CA TYR A 113 2.10 2.46 -1.12
C TYR A 113 3.12 2.01 -0.06
N SER A 114 4.32 1.64 -0.50
CA SER A 114 5.40 1.27 0.43
C SER A 114 6.73 1.32 -0.32
N GLY A 115 7.79 0.84 0.32
CA GLY A 115 9.11 0.80 -0.31
C GLY A 115 9.17 -0.16 -1.49
N SER A 116 8.66 -1.37 -1.30
CA SER A 116 8.69 -2.39 -2.34
C SER A 116 7.91 -1.98 -3.60
N PRO A 117 6.70 -1.40 -3.44
CA PRO A 117 6.01 -0.79 -4.60
C PRO A 117 6.80 0.29 -5.31
N ALA A 118 7.51 1.12 -4.55
CA ALA A 118 8.30 2.19 -5.14
C ALA A 118 9.40 1.64 -6.06
N ASN A 119 10.03 0.54 -5.64
CA ASN A 119 11.07 -0.09 -6.45
C ASN A 119 10.49 -0.71 -7.72
N LEU A 120 9.39 -1.44 -7.58
CA LEU A 120 8.73 -2.04 -8.74
C LEU A 120 8.26 -0.99 -9.74
N ALA A 121 7.80 0.17 -9.26
CA ALA A 121 7.43 1.27 -10.15
C ALA A 121 8.61 1.77 -10.97
N VAL A 122 9.78 1.86 -10.34
CA VAL A 122 11.00 2.28 -11.04
C VAL A 122 11.36 1.30 -12.16
N TYR A 123 11.37 0.01 -11.84
CA TYR A 123 11.75 -0.99 -12.83
C TYR A 123 10.76 -0.99 -14.00
N THR A 124 9.47 -0.99 -13.66
CA THR A 124 8.39 -0.92 -14.64
C THR A 124 8.54 0.31 -15.55
N ALA A 125 8.87 1.45 -14.94
CA ALA A 125 9.05 2.71 -15.67
C ALA A 125 10.23 2.76 -16.64
N LEU A 126 11.37 2.17 -16.25
CA LEU A 126 12.63 2.36 -16.99
C LEU A 126 13.08 1.15 -17.82
N LEU A 127 12.62 -0.04 -17.43
CA LEU A 127 13.08 -1.28 -18.05
C LEU A 127 11.95 -2.00 -18.76
N GLN A 128 12.31 -2.79 -19.76
CA GLN A 128 11.37 -3.73 -20.38
C GLN A 128 11.35 -4.99 -19.55
N PRO A 129 10.26 -5.76 -19.65
CA PRO A 129 10.29 -7.08 -19.01
C PRO A 129 11.52 -7.85 -19.44
N HIS A 130 12.14 -8.54 -18.49
CA HIS A 130 13.37 -9.33 -18.71
C HIS A 130 14.67 -8.53 -18.89
N ASP A 131 14.63 -7.20 -18.80
CA ASP A 131 15.85 -6.38 -18.75
C ASP A 131 16.61 -6.67 -17.45
N ARG A 132 17.87 -6.30 -17.45
CA ARG A 132 18.81 -6.78 -16.44
C ARG A 132 19.01 -5.79 -15.29
N ILE A 133 18.97 -6.33 -14.07
CA ILE A 133 19.18 -5.57 -12.85
C ILE A 133 20.27 -6.26 -12.03
N MET A 134 21.13 -5.46 -11.39
CA MET A 134 22.09 -5.97 -10.40
C MET A 134 21.86 -5.27 -9.07
N GLY A 135 21.75 -6.07 -8.01
CA GLY A 135 21.65 -5.56 -6.65
C GLY A 135 22.52 -6.39 -5.74
N LEU A 136 22.81 -5.86 -4.56
CA LEU A 136 23.60 -6.60 -3.56
C LEU A 136 22.83 -7.85 -3.18
N ASP A 137 23.52 -9.00 -3.16
CA ASP A 137 22.89 -10.28 -2.87
C ASP A 137 22.20 -10.22 -1.51
N LEU A 138 21.13 -10.99 -1.37
CA LEU A 138 20.30 -10.92 -0.17
C LEU A 138 21.08 -11.33 1.10
N PRO A 139 21.75 -12.51 1.09
CA PRO A 139 22.57 -12.84 2.28
C PRO A 139 23.77 -11.90 2.53
N ASP A 140 24.22 -11.20 1.49
CA ASP A 140 25.24 -10.15 1.62
C ASP A 140 24.72 -8.80 2.13
N GLY A 141 23.40 -8.68 2.33
CA GLY A 141 22.80 -7.48 2.91
C GLY A 141 21.94 -6.62 2.01
N GLY A 142 21.64 -7.10 0.80
CA GLY A 142 20.68 -6.42 -0.08
C GLY A 142 19.26 -6.73 0.33
N HIS A 143 18.30 -6.10 -0.35
CA HIS A 143 16.87 -6.30 -0.10
C HIS A 143 16.26 -7.26 -1.15
N LEU A 144 15.19 -7.95 -0.76
CA LEU A 144 14.45 -8.85 -1.68
C LEU A 144 14.09 -8.20 -3.01
N THR A 145 13.65 -6.95 -2.96
CA THR A 145 13.25 -6.18 -4.15
C THR A 145 14.38 -5.83 -5.11
N HIS A 146 15.63 -6.10 -4.73
CA HIS A 146 16.77 -5.89 -5.63
C HIS A 146 17.06 -7.10 -6.52
N GLY A 147 16.31 -8.18 -6.32
CA GLY A 147 16.49 -9.42 -7.05
C GLY A 147 16.80 -10.48 -6.03
N TYR A 148 16.17 -11.64 -6.15
CA TYR A 148 16.57 -12.79 -5.40
C TYR A 148 15.99 -14.02 -6.06
N MET A 149 16.86 -14.99 -6.34
CA MET A 149 16.48 -16.32 -6.80
C MET A 149 17.26 -17.34 -5.98
N SER A 150 16.59 -18.42 -5.59
CA SER A 150 17.26 -19.58 -5.02
C SER A 150 17.79 -20.44 -6.17
N ASP A 151 18.43 -21.55 -5.82
CA ASP A 151 18.95 -22.51 -6.79
C ASP A 151 17.85 -23.15 -7.66
N VAL A 152 16.60 -23.13 -7.19
CA VAL A 152 15.47 -23.76 -7.90
C VAL A 152 14.24 -22.87 -8.16
N LYS A 153 14.22 -21.62 -7.69
CA LYS A 153 13.01 -20.78 -7.79
C LYS A 153 13.27 -19.28 -7.77
N ARG A 154 12.53 -18.55 -8.61
CA ARG A 154 12.52 -17.10 -8.60
C ARG A 154 11.62 -16.66 -7.45
N ILE A 155 12.19 -15.92 -6.50
CA ILE A 155 11.52 -15.62 -5.24
C ILE A 155 10.94 -14.21 -5.27
N SER A 156 11.78 -13.23 -5.59
CA SER A 156 11.32 -11.85 -5.74
C SER A 156 10.65 -11.66 -7.09
N ALA A 157 9.61 -10.83 -7.14
CA ALA A 157 8.95 -10.45 -8.38
C ALA A 157 9.90 -9.68 -9.31
N THR A 158 10.89 -9.03 -8.72
CA THR A 158 12.00 -8.42 -9.46
C THR A 158 12.71 -9.44 -10.36
N SER A 159 12.85 -10.65 -9.86
CA SER A 159 13.51 -11.76 -10.59
C SER A 159 12.57 -12.56 -11.50
N ILE A 160 11.25 -12.36 -11.37
CA ILE A 160 10.27 -12.97 -12.26
C ILE A 160 10.08 -12.12 -13.52
N PHE A 161 9.82 -10.84 -13.32
CA PHE A 161 9.53 -9.91 -14.43
C PHE A 161 10.77 -9.32 -15.04
N PHE A 162 11.87 -9.28 -14.27
CA PHE A 162 13.15 -8.81 -14.76
C PHE A 162 14.23 -9.85 -14.46
N GLU A 163 15.42 -9.64 -15.02
CA GLU A 163 16.52 -10.60 -14.92
C GLU A 163 17.57 -10.03 -13.97
N SER A 164 17.66 -10.62 -12.78
CA SER A 164 18.57 -10.15 -11.75
C SER A 164 19.80 -11.04 -11.66
N MET A 165 20.95 -10.41 -11.46
CA MET A 165 22.18 -11.10 -11.05
C MET A 165 22.74 -10.30 -9.88
N PRO A 166 23.04 -10.97 -8.75
CA PRO A 166 23.53 -10.19 -7.61
C PRO A 166 25.01 -9.81 -7.74
N TYR A 167 25.42 -8.83 -6.94
CA TYR A 167 26.85 -8.59 -6.68
C TYR A 167 27.11 -8.82 -5.20
N LYS A 168 28.36 -9.06 -4.86
CA LYS A 168 28.73 -9.63 -3.56
C LYS A 168 29.62 -8.71 -2.73
N LEU A 169 29.73 -9.04 -1.45
CA LEU A 169 30.72 -8.42 -0.56
C LEU A 169 32.06 -9.11 -0.75
N ASN A 170 33.13 -8.40 -0.38
CA ASN A 170 34.44 -9.02 -0.13
C ASN A 170 34.42 -9.59 1.29
N PRO A 171 34.43 -10.93 1.44
CA PRO A 171 34.37 -11.50 2.79
C PRO A 171 35.57 -11.18 3.72
N LYS A 172 36.70 -10.78 3.14
CA LYS A 172 37.86 -10.34 3.92
C LYS A 172 37.57 -9.04 4.69
N THR A 173 36.94 -8.07 4.02
CA THR A 173 36.66 -6.77 4.61
C THR A 173 35.22 -6.57 5.11
N GLY A 174 34.30 -7.44 4.70
CA GLY A 174 32.87 -7.22 4.93
C GLY A 174 32.26 -6.06 4.15
N LEU A 175 32.96 -5.54 3.16
CA LEU A 175 32.52 -4.39 2.36
C LEU A 175 32.09 -4.85 0.98
N ILE A 176 31.36 -4.00 0.28
CA ILE A 176 30.94 -4.27 -1.10
C ILE A 176 32.20 -4.33 -1.96
N ASP A 177 32.36 -5.43 -2.68
CA ASP A 177 33.45 -5.61 -3.63
C ASP A 177 33.18 -4.80 -4.90
N TYR A 178 33.54 -3.51 -4.86
CA TYR A 178 33.30 -2.62 -6.00
C TYR A 178 34.10 -3.05 -7.25
N ASN A 179 35.23 -3.73 -7.06
CA ASN A 179 36.03 -4.21 -8.18
C ASN A 179 35.33 -5.35 -8.91
N GLN A 180 34.80 -6.32 -8.15
CA GLN A 180 34.11 -7.45 -8.76
C GLN A 180 32.79 -7.01 -9.41
N LEU A 181 32.09 -6.04 -8.82
CA LEU A 181 30.89 -5.46 -9.45
C LEU A 181 31.21 -4.92 -10.84
N ALA A 182 32.25 -4.07 -10.92
CA ALA A 182 32.70 -3.48 -12.20
C ALA A 182 33.07 -4.57 -13.20
N LEU A 183 33.69 -5.64 -12.72
CA LEU A 183 34.06 -6.76 -13.57
C LEU A 183 32.82 -7.49 -14.11
N THR A 184 31.94 -7.90 -13.21
CA THR A 184 30.74 -8.65 -13.57
C THR A 184 29.71 -7.82 -14.34
N ALA A 185 29.65 -6.52 -14.08
CA ALA A 185 28.73 -5.63 -14.78
C ALA A 185 29.11 -5.47 -16.25
N ARG A 186 30.40 -5.44 -16.55
CA ARG A 186 30.87 -5.39 -17.94
C ARG A 186 30.47 -6.64 -18.74
N LEU A 187 30.35 -7.77 -18.06
CA LEU A 187 29.90 -9.01 -18.68
C LEU A 187 28.38 -9.12 -18.76
N PHE A 188 27.70 -8.86 -17.64
CA PHE A 188 26.24 -9.00 -17.53
C PHE A 188 25.48 -7.91 -18.28
N ARG A 189 26.03 -6.70 -18.30
CA ARG A 189 25.45 -5.55 -18.99
C ARG A 189 24.07 -5.21 -18.40
N PRO A 190 24.03 -4.83 -17.11
CA PRO A 190 22.76 -4.45 -16.52
C PRO A 190 22.26 -3.11 -17.08
N ARG A 191 20.95 -3.00 -17.22
CA ARG A 191 20.33 -1.74 -17.59
C ARG A 191 20.13 -0.85 -16.36
N LEU A 192 20.07 -1.47 -15.18
CA LEU A 192 19.94 -0.74 -13.93
C LEU A 192 20.74 -1.42 -12.82
N ILE A 193 21.44 -0.62 -12.03
CA ILE A 193 22.19 -1.12 -10.87
C ILE A 193 21.70 -0.40 -9.63
N ILE A 194 21.44 -1.18 -8.58
CA ILE A 194 20.85 -0.70 -7.35
C ILE A 194 21.91 -0.54 -6.27
N ALA A 195 22.06 0.67 -5.76
CA ALA A 195 22.91 0.97 -4.61
C ALA A 195 22.04 1.17 -3.39
N GLY A 196 22.04 0.19 -2.49
CA GLY A 196 21.21 0.28 -1.29
C GLY A 196 21.15 -1.03 -0.59
N THR A 197 20.95 -0.99 0.72
CA THR A 197 21.10 -2.17 1.57
C THR A 197 20.08 -2.26 2.69
N SER A 198 19.89 -3.48 3.17
CA SER A 198 19.11 -3.75 4.37
C SER A 198 19.98 -4.06 5.58
N ALA A 199 21.07 -4.79 5.38
CA ALA A 199 21.97 -5.18 6.47
C ALA A 199 23.41 -4.85 6.09
N TYR A 200 23.80 -3.60 6.32
CA TYR A 200 25.13 -3.12 5.97
C TYR A 200 25.51 -1.95 6.87
N ALA A 201 26.65 -2.09 7.55
CA ALA A 201 27.06 -1.14 8.57
C ALA A 201 27.84 0.05 8.04
N ARG A 202 28.18 0.04 6.75
CA ARG A 202 29.07 1.03 6.19
C ARG A 202 28.40 1.86 5.13
N LEU A 203 29.04 2.96 4.78
CA LEU A 203 28.55 3.88 3.76
C LEU A 203 28.90 3.33 2.37
N ILE A 204 27.97 3.47 1.45
CA ILE A 204 28.13 2.98 0.08
C ILE A 204 28.94 4.02 -0.71
N ASP A 205 29.87 3.54 -1.52
CA ASP A 205 30.65 4.41 -2.41
C ASP A 205 29.82 4.70 -3.66
N TYR A 206 28.93 5.67 -3.53
CA TYR A 206 27.99 6.03 -4.61
C TYR A 206 28.71 6.55 -5.85
N ALA A 207 29.85 7.23 -5.63
CA ALA A 207 30.69 7.73 -6.72
C ALA A 207 31.25 6.58 -7.55
N ARG A 208 31.71 5.52 -6.89
CA ARG A 208 32.20 4.33 -7.59
C ARG A 208 31.06 3.58 -8.30
N MET A 209 29.89 3.47 -7.64
CA MET A 209 28.69 2.92 -8.27
C MET A 209 28.36 3.68 -9.56
N ARG A 210 28.46 5.01 -9.49
CA ARG A 210 28.24 5.89 -10.63
C ARG A 210 29.23 5.63 -11.79
N GLU A 211 30.51 5.44 -11.48
CA GLU A 211 31.53 5.13 -12.50
C GLU A 211 31.20 3.84 -13.25
N VAL A 212 30.81 2.80 -12.50
CA VAL A 212 30.45 1.52 -13.10
C VAL A 212 29.20 1.68 -13.98
N CYS A 213 28.23 2.47 -13.51
CA CYS A 213 27.00 2.74 -14.25
C CYS A 213 27.28 3.52 -15.54
N ASP A 214 28.05 4.60 -15.44
CA ASP A 214 28.47 5.36 -16.62
C ASP A 214 29.21 4.49 -17.64
N GLU A 215 30.04 3.56 -17.16
CA GLU A 215 30.82 2.71 -18.05
C GLU A 215 29.94 1.79 -18.88
N VAL A 216 29.06 1.03 -18.20
CA VAL A 216 28.17 0.06 -18.87
C VAL A 216 26.81 0.62 -19.34
N LYS A 217 26.62 1.94 -19.27
CA LYS A 217 25.37 2.58 -19.72
C LYS A 217 24.16 2.05 -18.95
N ALA A 218 24.24 2.09 -17.62
CA ALA A 218 23.16 1.66 -16.73
C ALA A 218 22.67 2.83 -15.90
N HIS A 219 21.41 2.77 -15.49
CA HIS A 219 20.86 3.70 -14.51
C HIS A 219 21.38 3.30 -13.14
N LEU A 220 21.71 4.31 -12.32
CA LEU A 220 21.99 4.09 -10.91
C LEU A 220 20.74 4.41 -10.08
N LEU A 221 20.22 3.41 -9.37
CA LEU A 221 19.15 3.58 -8.40
C LEU A 221 19.76 3.55 -7.02
N ALA A 222 19.51 4.59 -6.24
CA ALA A 222 19.84 4.57 -4.82
C ALA A 222 18.60 4.19 -4.04
N ASP A 223 18.62 3.02 -3.39
CA ASP A 223 17.55 2.62 -2.50
C ASP A 223 18.00 2.90 -1.06
N MET A 224 17.71 4.11 -0.60
CA MET A 224 18.20 4.60 0.69
C MET A 224 17.26 4.36 1.86
N ALA A 225 16.43 3.31 1.80
CA ALA A 225 15.35 3.11 2.75
C ALA A 225 15.82 3.17 4.20
N HIS A 226 16.86 2.41 4.52
CA HIS A 226 17.38 2.34 5.89
C HIS A 226 17.96 3.64 6.40
N ILE A 227 18.61 4.39 5.49
CA ILE A 227 19.46 5.52 5.86
C ILE A 227 18.85 6.90 5.53
N SER A 228 17.61 6.91 5.04
CA SER A 228 17.01 8.14 4.48
C SER A 228 16.99 9.29 5.48
N GLY A 229 16.65 8.99 6.73
CA GLY A 229 16.66 10.00 7.79
C GLY A 229 18.04 10.60 8.03
N LEU A 230 19.05 9.72 8.03
CA LEU A 230 20.44 10.14 8.16
C LEU A 230 20.82 11.06 7.00
N VAL A 231 20.39 10.68 5.79
CA VAL A 231 20.62 11.51 4.59
C VAL A 231 19.92 12.87 4.70
N ALA A 232 18.67 12.86 5.14
CA ALA A 232 17.89 14.10 5.30
C ALA A 232 18.54 15.04 6.32
N ALA A 233 19.00 14.45 7.42
CA ALA A 233 19.68 15.18 8.49
C ALA A 233 21.08 15.69 8.12
N LYS A 234 21.63 15.23 7.00
CA LYS A 234 22.99 15.57 6.54
C LYS A 234 24.09 15.07 7.47
N VAL A 235 23.85 13.94 8.15
CA VAL A 235 24.86 13.35 9.06
C VAL A 235 25.73 12.29 8.38
N ILE A 236 25.35 11.88 7.17
CA ILE A 236 26.16 11.02 6.29
C ILE A 236 26.05 11.56 4.85
N PRO A 237 26.92 11.10 3.94
CA PRO A 237 26.85 11.60 2.55
C PRO A 237 25.56 11.21 1.80
N SER A 238 25.14 12.05 0.89
CA SER A 238 23.86 11.90 0.19
C SER A 238 24.04 11.11 -1.11
N PRO A 239 23.19 10.09 -1.35
CA PRO A 239 23.19 9.42 -2.66
C PRO A 239 22.67 10.28 -3.81
N PHE A 240 21.97 11.38 -3.49
CA PHE A 240 21.44 12.29 -4.50
C PHE A 240 22.53 12.98 -5.34
N LYS A 241 23.76 13.03 -4.83
CA LYS A 241 24.86 13.63 -5.59
C LYS A 241 25.35 12.73 -6.73
N HIS A 242 25.02 11.45 -6.69
CA HIS A 242 25.48 10.50 -7.71
C HIS A 242 24.41 9.66 -8.43
N ALA A 243 23.20 9.55 -7.88
CA ALA A 243 22.18 8.64 -8.44
C ALA A 243 21.22 9.35 -9.40
N ASP A 244 20.72 8.60 -10.36
CA ASP A 244 19.66 9.05 -11.27
C ASP A 244 18.31 9.03 -10.57
N ILE A 245 18.04 7.91 -9.90
CA ILE A 245 16.79 7.65 -9.18
C ILE A 245 17.11 7.37 -7.72
N VAL A 246 16.27 7.89 -6.81
CA VAL A 246 16.35 7.52 -5.40
C VAL A 246 14.97 7.04 -4.94
N THR A 247 14.90 5.80 -4.44
CA THR A 247 13.71 5.30 -3.78
C THR A 247 13.96 5.22 -2.28
N THR A 248 12.89 5.39 -1.51
CA THR A 248 12.96 5.18 -0.09
C THR A 248 11.61 4.82 0.50
N THR A 249 11.65 4.15 1.64
CA THR A 249 10.52 4.09 2.53
C THR A 249 10.37 5.45 3.20
N THR A 250 9.21 5.69 3.81
CA THR A 250 8.98 6.89 4.61
C THR A 250 9.03 6.59 6.11
N HIS A 251 9.13 5.31 6.45
CA HIS A 251 9.21 4.84 7.82
C HIS A 251 10.72 4.61 8.10
N1 LLP A 252 14.30 -1.52 -0.01
C2 LLP A 252 15.16 -1.42 1.01
C2' LLP A 252 16.63 -1.17 0.79
C3 LLP A 252 14.64 -1.56 2.39
O3 LLP A 252 15.47 -1.45 3.46
C4 LLP A 252 13.18 -1.79 2.59
C4' LLP A 252 12.70 -1.90 4.01
C5 LLP A 252 12.34 -1.87 1.37
C6 LLP A 252 12.97 -1.74 0.13
C5' LLP A 252 10.85 -2.15 1.36
OP4 LLP A 252 10.00 -1.45 2.28
P LLP A 252 8.53 -2.03 2.56
OP1 LLP A 252 8.66 -3.14 3.56
OP2 LLP A 252 7.80 -0.81 3.05
OP3 LLP A 252 8.01 -2.56 1.24
N LLP A 252 11.10 3.64 8.93
CA LLP A 252 12.53 3.42 9.25
CB LLP A 252 13.28 2.84 8.05
CG LLP A 252 12.56 1.63 7.47
CD LLP A 252 13.45 0.88 6.50
CE LLP A 252 12.73 -0.38 6.04
NZ LLP A 252 13.27 -0.81 4.77
C LLP A 252 13.12 4.70 9.81
O LLP A 252 12.49 5.33 10.65
N THR A 253 14.29 5.12 9.33
CA THR A 253 14.97 6.27 9.93
C THR A 253 14.31 7.63 9.69
N LEU A 254 13.46 7.72 8.66
CA LEU A 254 12.63 8.93 8.44
C LEU A 254 11.50 9.08 9.47
N ARG A 255 11.12 7.97 10.11
CA ARG A 255 10.23 8.00 11.28
C ARG A 255 8.78 8.44 10.96
N GLY A 256 8.33 8.21 9.72
CA GLY A 256 6.96 8.47 9.30
C GLY A 256 6.08 7.23 9.22
N ALA A 257 4.89 7.40 8.67
CA ALA A 257 4.00 6.28 8.39
C ALA A 257 4.54 5.45 7.23
N ARG A 258 4.10 4.20 7.15
CA ARG A 258 4.50 3.30 6.07
C ARG A 258 3.99 3.76 4.72
N SER A 259 4.93 4.13 3.86
CA SER A 259 4.66 4.58 2.50
C SER A 259 6.00 4.59 1.78
N GLY A 260 6.02 5.11 0.55
CA GLY A 260 7.25 5.17 -0.25
C GLY A 260 7.36 6.45 -1.05
N LEU A 261 8.59 6.71 -1.50
CA LEU A 261 8.89 7.86 -2.35
C LEU A 261 9.79 7.41 -3.50
N ILE A 262 9.63 8.05 -4.66
CA ILE A 262 10.52 7.89 -5.79
C ILE A 262 10.95 9.27 -6.18
N PHE A 263 12.25 9.55 -6.05
CA PHE A 263 12.85 10.79 -6.53
C PHE A 263 13.51 10.51 -7.88
N TYR A 264 13.57 11.52 -8.73
CA TYR A 264 14.13 11.37 -10.07
C TYR A 264 14.71 12.68 -10.55
N ARG A 265 15.81 12.58 -11.30
CA ARG A 265 16.41 13.74 -11.97
C ARG A 265 15.45 14.30 -13.01
N LYS A 266 15.52 15.62 -13.20
CA LYS A 266 14.77 16.30 -14.26
C LYS A 266 15.57 17.50 -14.80
N GLY A 267 15.19 17.95 -15.99
CA GLY A 267 15.89 18.99 -16.71
C GLY A 267 16.89 18.41 -17.68
N VAL A 268 18.11 18.96 -17.69
CA VAL A 268 19.14 18.64 -18.70
C VAL A 268 20.13 17.60 -18.15
N LYS A 269 20.29 16.50 -18.89
CA LYS A 269 21.28 15.48 -18.53
C LYS A 269 22.67 15.93 -18.95
N ALA A 270 22.84 16.20 -20.23
CA ALA A 270 24.13 16.59 -20.80
C ALA A 270 23.96 17.24 -22.18
N VAL A 271 24.66 18.35 -22.40
CA VAL A 271 24.66 19.05 -23.69
C VAL A 271 25.73 18.45 -24.59
N ASP A 272 25.29 17.79 -25.67
CA ASP A 272 26.20 17.19 -26.65
C ASP A 272 26.87 18.30 -27.47
N PRO A 273 28.21 18.46 -27.37
CA PRO A 273 28.90 19.56 -28.07
C PRO A 273 29.06 19.38 -29.59
N LYS A 274 28.87 18.16 -30.10
CA LYS A 274 28.97 17.88 -31.54
C LYS A 274 27.73 18.37 -32.28
N THR A 275 26.55 17.98 -31.80
CA THR A 275 25.28 18.49 -32.31
C THR A 275 25.03 19.92 -31.79
N GLY A 276 25.32 20.13 -30.51
CA GLY A 276 25.10 21.42 -29.84
C GLY A 276 23.94 21.41 -28.86
N ARG A 277 22.96 20.53 -29.10
CA ARG A 277 21.67 20.56 -28.39
C ARG A 277 21.73 19.85 -27.03
N GLU A 278 20.92 20.35 -26.09
CA GLU A 278 20.77 19.75 -24.76
C GLU A 278 19.96 18.44 -24.80
N ILE A 279 20.47 17.41 -24.12
CA ILE A 279 19.75 16.14 -23.98
C ILE A 279 18.97 16.20 -22.66
N PRO A 280 17.67 15.84 -22.68
CA PRO A 280 16.87 15.94 -21.46
C PRO A 280 16.89 14.65 -20.63
N TYR A 281 16.61 14.77 -19.34
CA TYR A 281 16.25 13.61 -18.52
C TYR A 281 14.81 13.23 -18.88
N THR A 282 14.54 11.93 -18.98
CA THR A 282 13.22 11.41 -19.35
C THR A 282 12.67 10.44 -18.30
N PHE A 283 12.92 10.73 -17.02
CA PHE A 283 12.46 9.87 -15.92
C PHE A 283 11.05 10.26 -15.47
N GLU A 284 10.82 11.56 -15.32
CA GLU A 284 9.59 12.10 -14.75
C GLU A 284 8.30 11.47 -15.26
N ASP A 285 8.06 11.56 -16.57
CA ASP A 285 6.79 11.08 -17.16
C ASP A 285 6.67 9.57 -17.05
N ARG A 286 7.80 8.87 -17.22
CA ARG A 286 7.81 7.42 -17.14
C ARG A 286 7.61 6.89 -15.71
N ILE A 287 8.25 7.52 -14.73
CA ILE A 287 8.11 7.13 -13.32
C ILE A 287 6.66 7.34 -12.89
N ASN A 288 6.14 8.53 -13.17
CA ASN A 288 4.77 8.89 -12.80
C ASN A 288 3.71 8.03 -13.46
N PHE A 289 3.90 7.69 -14.73
CA PHE A 289 3.00 6.78 -15.44
C PHE A 289 3.02 5.35 -14.87
N ALA A 290 4.21 4.90 -14.45
CA ALA A 290 4.35 3.55 -13.88
C ALA A 290 3.61 3.40 -12.56
N VAL A 291 3.65 4.43 -11.73
CA VAL A 291 2.95 4.40 -10.45
C VAL A 291 1.45 4.42 -10.72
N PHE A 292 1.00 5.40 -11.51
CA PHE A 292 -0.37 5.46 -12.01
C PHE A 292 -0.39 6.00 -13.45
N PRO A 293 -1.03 5.31 -14.41
CA PRO A 293 -2.03 4.24 -14.17
C PRO A 293 -1.56 2.79 -14.16
N SER A 294 -0.27 2.54 -14.38
CA SER A 294 0.18 1.17 -14.65
C SER A 294 0.04 0.22 -13.46
N LEU A 295 0.55 0.60 -12.28
CA LEU A 295 0.62 -0.34 -11.14
C LEU A 295 -0.43 -0.12 -10.05
N GLN A 296 -0.58 1.12 -9.62
CA GLN A 296 -1.45 1.43 -8.49
C GLN A 296 -2.81 1.98 -8.93
N GLY A 297 -3.75 2.01 -8.00
CA GLY A 297 -5.03 2.68 -8.21
C GLY A 297 -5.06 3.98 -7.43
N GLY A 298 -6.05 4.12 -6.55
CA GLY A 298 -6.25 5.32 -5.77
C GLY A 298 -5.14 5.53 -4.75
N PRO A 299 -4.57 6.75 -4.70
CA PRO A 299 -3.60 7.11 -3.67
C PRO A 299 -4.15 6.90 -2.26
N HIS A 300 -3.25 6.70 -1.31
CA HIS A 300 -3.60 6.66 0.10
C HIS A 300 -3.27 8.01 0.67
N ASN A 301 -4.20 8.94 0.47
CA ASN A 301 -4.01 10.35 0.83
C ASN A 301 -3.75 10.58 2.32
N HIS A 302 -4.43 9.78 3.14
CA HIS A 302 -4.11 9.69 4.56
C HIS A 302 -2.63 9.38 4.85
N ALA A 303 -2.05 8.43 4.11
CA ALA A 303 -0.62 8.12 4.22
C ALA A 303 0.23 9.28 3.66
N ILE A 304 -0.18 9.85 2.53
CA ILE A 304 0.55 10.98 1.93
C ILE A 304 0.65 12.15 2.91
N ALA A 305 -0.44 12.42 3.63
CA ALA A 305 -0.46 13.53 4.62
C ALA A 305 0.44 13.23 5.82
N ALA A 306 0.37 12.01 6.32
CA ALA A 306 1.26 11.54 7.39
C ALA A 306 2.74 11.65 6.99
N VAL A 307 3.03 11.32 5.74
CA VAL A 307 4.39 11.43 5.21
C VAL A 307 4.80 12.91 5.20
N ALA A 308 3.91 13.78 4.74
CA ALA A 308 4.16 15.22 4.75
C ALA A 308 4.48 15.76 6.15
N VAL A 309 3.81 15.22 7.17
CA VAL A 309 4.08 15.61 8.56
C VAL A 309 5.50 15.19 8.94
N ALA A 310 5.82 13.92 8.70
CA ALA A 310 7.15 13.38 8.98
C ALA A 310 8.26 14.10 8.21
N LEU A 311 8.04 14.40 6.94
CA LEU A 311 9.03 15.12 6.14
C LEU A 311 9.30 16.52 6.69
N LYS A 312 8.25 17.14 7.23
CA LYS A 312 8.36 18.44 7.90
C LYS A 312 9.21 18.32 9.16
N GLN A 313 8.94 17.30 9.97
CA GLN A 313 9.73 16.98 11.17
C GLN A 313 11.20 16.78 10.82
N ALA A 314 11.46 16.11 9.70
CA ALA A 314 12.81 15.80 9.26
C ALA A 314 13.65 16.99 8.77
N CYS A 315 13.02 18.15 8.57
CA CYS A 315 13.75 19.38 8.21
C CYS A 315 14.27 20.15 9.41
N THR A 316 13.85 19.79 10.61
CA THR A 316 14.12 20.60 11.81
C THR A 316 15.48 20.29 12.44
N PRO A 317 16.04 21.25 13.22
CA PRO A 317 17.22 21.00 14.04
C PRO A 317 17.06 19.75 14.93
N MET A 318 15.91 19.63 15.60
CA MET A 318 15.53 18.46 16.40
C MET A 318 15.88 17.13 15.73
N PHE A 319 15.49 17.00 14.46
CA PHE A 319 15.70 15.76 13.72
C PHE A 319 17.16 15.52 13.35
N ARG A 320 17.94 16.59 13.14
CA ARG A 320 19.38 16.45 12.94
C ARG A 320 20.03 15.94 14.22
N GLU A 321 19.67 16.54 15.35
CA GLU A 321 20.16 16.08 16.66
C GLU A 321 19.76 14.64 16.93
N TYR A 322 18.53 14.28 16.54
CA TYR A 322 18.10 12.88 16.63
C TYR A 322 19.01 11.98 15.79
N SER A 323 19.28 12.38 14.55
CA SER A 323 20.06 11.57 13.62
C SER A 323 21.53 11.43 14.03
N LEU A 324 22.15 12.51 14.49
CA LEU A 324 23.50 12.45 15.10
C LEU A 324 23.53 11.48 16.28
N GLN A 325 22.51 11.55 17.13
CA GLN A 325 22.40 10.64 18.28
C GLN A 325 22.31 9.18 17.85
N VAL A 326 21.57 8.91 16.77
CA VAL A 326 21.44 7.55 16.21
C VAL A 326 22.82 6.99 15.85
N LEU A 327 23.66 7.81 15.22
CA LEU A 327 25.03 7.41 14.88
C LEU A 327 25.87 7.17 16.14
N LYS A 328 25.82 8.12 17.07
CA LYS A 328 26.54 8.01 18.34
C LYS A 328 26.14 6.78 19.15
N ASN A 329 24.84 6.51 19.17
CA ASN A 329 24.31 5.33 19.86
C ASN A 329 24.73 4.03 19.20
N ALA A 330 24.83 4.01 17.88
CA ALA A 330 25.26 2.81 17.16
C ALA A 330 26.75 2.55 17.39
N ARG A 331 27.55 3.62 17.30
CA ARG A 331 28.97 3.59 17.69
C ARG A 331 29.17 3.07 19.10
N ALA A 332 28.40 3.65 20.04
CA ALA A 332 28.45 3.27 21.45
C ALA A 332 28.14 1.80 21.65
N MET A 333 27.15 1.30 20.89
CA MET A 333 26.75 -0.11 20.94
C MET A 333 27.84 -0.98 20.33
N ALA A 334 28.41 -0.51 19.22
CA ALA A 334 29.54 -1.21 18.58
C ALA A 334 30.73 -1.29 19.54
N ASP A 335 31.15 -0.14 20.06
CA ASP A 335 32.25 -0.05 21.03
C ASP A 335 32.01 -0.92 22.25
N ALA A 336 30.82 -0.84 22.81
CA ALA A 336 30.46 -1.67 23.96
C ALA A 336 30.47 -3.17 23.63
N LEU A 337 30.14 -3.55 22.39
CA LEU A 337 30.23 -4.95 22.00
C LEU A 337 31.69 -5.38 21.79
N LEU A 338 32.50 -4.53 21.19
CA LEU A 338 33.93 -4.81 21.02
C LEU A 338 34.58 -5.06 22.37
N GLU A 339 34.36 -4.12 23.30
CA GLU A 339 34.90 -4.23 24.67
C GLU A 339 34.55 -5.52 25.44
N ARG A 340 33.40 -6.12 25.15
N ARG A 340 33.41 -6.13 25.15
CA ARG A 340 33.00 -7.40 25.74
CA ARG A 340 33.01 -7.40 25.77
C ARG A 340 33.37 -8.63 24.90
C ARG A 340 33.37 -8.62 24.90
N GLY A 341 34.33 -8.47 23.98
CA GLY A 341 34.84 -9.59 23.17
C GLY A 341 33.96 -10.10 22.05
N TYR A 342 33.16 -9.21 21.44
CA TYR A 342 32.35 -9.56 20.26
C TYR A 342 33.05 -9.10 18.99
N SER A 343 32.73 -9.76 17.88
CA SER A 343 33.27 -9.40 16.57
C SER A 343 32.18 -8.75 15.74
N LEU A 344 32.52 -7.64 15.09
CA LEU A 344 31.57 -6.90 14.24
C LEU A 344 31.94 -7.07 12.77
N VAL A 345 30.95 -7.34 11.92
CA VAL A 345 31.18 -7.47 10.48
C VAL A 345 31.60 -6.10 9.97
N SER A 346 32.68 -6.07 9.19
CA SER A 346 33.35 -4.84 8.76
C SER A 346 34.02 -4.04 9.90
N GLY A 347 34.12 -4.63 11.09
CA GLY A 347 34.83 -4.02 12.23
C GLY A 347 34.10 -2.99 13.07
N GLY A 348 32.94 -2.53 12.62
CA GLY A 348 32.26 -1.40 13.28
C GLY A 348 31.12 -0.86 12.43
N THR A 349 30.84 0.43 12.56
CA THR A 349 29.74 1.05 11.82
C THR A 349 29.97 2.52 11.55
N ASP A 350 29.48 2.98 10.41
CA ASP A 350 29.42 4.39 10.08
C ASP A 350 27.97 4.86 9.94
N ASN A 351 27.02 4.05 10.41
CA ASN A 351 25.60 4.39 10.29
C ASN A 351 24.77 3.96 11.53
N HIS A 352 23.48 3.80 11.33
CA HIS A 352 22.51 3.51 12.38
C HIS A 352 22.54 2.08 12.95
N LEU A 353 23.23 1.15 12.29
CA LEU A 353 23.16 -0.26 12.69
C LEU A 353 24.53 -0.90 12.87
N VAL A 354 24.52 -2.06 13.51
CA VAL A 354 25.70 -2.84 13.84
C VAL A 354 25.43 -4.29 13.48
N LEU A 355 26.38 -4.92 12.80
CA LEU A 355 26.29 -6.34 12.43
C LEU A 355 27.22 -7.13 13.32
N VAL A 356 26.66 -7.93 14.22
CA VAL A 356 27.45 -8.72 15.15
C VAL A 356 27.68 -10.09 14.52
N ASP A 357 28.91 -10.57 14.61
CA ASP A 357 29.27 -11.93 14.19
C ASP A 357 29.43 -12.74 15.46
N LEU A 358 28.48 -13.65 15.71
CA LEU A 358 28.45 -14.43 16.96
C LEU A 358 29.23 -15.74 16.91
N ARG A 359 29.73 -16.13 15.73
CA ARG A 359 30.46 -17.40 15.56
C ARG A 359 31.71 -17.51 16.44
N PRO A 360 32.54 -16.45 16.52
CA PRO A 360 33.69 -16.44 17.43
C PRO A 360 33.39 -16.76 18.90
N LYS A 361 32.23 -16.34 19.41
CA LYS A 361 31.81 -16.67 20.79
C LYS A 361 31.06 -18.00 20.92
N GLY A 362 30.84 -18.70 19.81
CA GLY A 362 30.30 -20.06 19.83
C GLY A 362 28.79 -20.14 19.94
N LEU A 363 28.10 -19.22 19.26
CA LEU A 363 26.64 -19.19 19.21
C LEU A 363 26.21 -18.62 17.86
N ASP A 364 24.99 -18.94 17.45
CA ASP A 364 24.47 -18.48 16.17
C ASP A 364 23.34 -17.48 16.35
N GLY A 365 22.98 -16.83 15.24
CA GLY A 365 21.94 -15.82 15.20
C GLY A 365 20.54 -16.33 15.50
N ALA A 366 20.23 -17.55 15.05
CA ALA A 366 18.92 -18.14 15.30
C ALA A 366 18.71 -18.40 16.79
N ARG A 367 19.76 -18.85 17.47
CA ARG A 367 19.71 -19.12 18.90
C ARG A 367 19.62 -17.83 19.71
N ALA A 368 20.51 -16.88 19.41
CA ALA A 368 20.54 -15.60 20.11
C ALA A 368 19.22 -14.84 19.98
N GLU A 369 18.70 -14.76 18.76
CA GLU A 369 17.46 -14.07 18.43
C GLU A 369 16.27 -14.52 19.28
N ARG A 370 16.14 -15.83 19.45
CA ARG A 370 15.03 -16.42 20.22
C ARG A 370 15.17 -16.19 21.73
N VAL A 371 16.38 -16.28 22.26
CA VAL A 371 16.67 -15.97 23.67
C VAL A 371 16.38 -14.50 23.96
N LEU A 372 16.89 -13.63 23.10
CA LEU A 372 16.66 -12.20 23.23
C LEU A 372 15.17 -11.84 23.14
N GLU A 373 14.45 -12.53 22.25
CA GLU A 373 13.00 -12.33 22.11
C GLU A 373 12.24 -12.65 23.40
N LEU A 374 12.67 -13.70 24.10
CA LEU A 374 12.03 -14.12 25.36
C LEU A 374 12.33 -13.21 26.55
N VAL A 375 13.31 -12.31 26.42
CA VAL A 375 13.59 -11.26 27.42
C VAL A 375 13.25 -9.84 26.92
N SER A 376 12.33 -9.76 25.96
CA SER A 376 11.80 -8.49 25.40
C SER A 376 12.82 -7.63 24.63
N ILE A 377 13.80 -8.29 24.02
CA ILE A 377 14.77 -7.63 23.16
C ILE A 377 14.57 -8.21 21.76
N THR A 378 14.12 -7.39 20.83
CA THR A 378 13.85 -7.84 19.46
C THR A 378 14.96 -7.38 18.53
N ALA A 379 15.71 -8.35 18.03
CA ALA A 379 16.69 -8.15 16.97
C ALA A 379 16.44 -9.23 15.93
N ASN A 380 17.23 -9.26 14.86
CA ASN A 380 17.12 -10.35 13.89
C ASN A 380 18.43 -10.96 13.46
N LYS A 381 18.37 -12.25 13.16
CA LYS A 381 19.54 -13.01 12.70
C LYS A 381 19.93 -12.54 11.31
N ASN A 382 21.22 -12.69 11.03
CA ASN A 382 21.84 -12.16 9.84
C ASN A 382 23.02 -13.01 9.43
N THR A 383 23.12 -13.27 8.12
CA THR A 383 24.20 -14.08 7.55
C THR A 383 25.50 -13.29 7.60
N CYS A 384 26.60 -13.97 7.92
CA CYS A 384 27.93 -13.36 7.91
C CYS A 384 28.61 -13.66 6.58
N PRO A 385 29.45 -12.73 6.08
CA PRO A 385 30.12 -12.94 4.78
C PRO A 385 30.97 -14.20 4.76
N GLY A 386 30.89 -14.94 3.65
CA GLY A 386 31.61 -16.20 3.50
C GLY A 386 30.73 -17.41 3.73
N ASP A 387 29.87 -17.34 4.76
CA ASP A 387 28.91 -18.42 5.02
C ASP A 387 27.85 -18.50 3.93
N ARG A 388 27.55 -19.72 3.51
CA ARG A 388 26.46 -19.98 2.58
C ARG A 388 25.13 -19.76 3.29
N SER A 389 24.11 -19.39 2.52
CA SER A 389 22.79 -19.05 3.06
C SER A 389 22.05 -20.27 3.67
N ALA A 390 22.37 -21.47 3.18
CA ALA A 390 21.79 -22.72 3.72
C ALA A 390 22.25 -23.08 5.15
N ILE A 391 23.38 -22.53 5.58
CA ILE A 391 23.89 -22.75 6.96
C ILE A 391 23.11 -21.80 7.91
N THR A 392 22.94 -22.22 9.16
CA THR A 392 22.22 -21.41 10.18
C THR A 392 23.03 -20.14 10.49
N PRO A 393 22.44 -18.95 10.26
CA PRO A 393 23.19 -17.69 10.22
C PRO A 393 23.91 -17.37 11.52
N GLY A 394 25.19 -17.03 11.41
CA GLY A 394 26.05 -16.84 12.58
C GLY A 394 26.15 -15.41 13.10
N GLY A 395 25.29 -14.53 12.60
CA GLY A 395 25.33 -13.12 12.96
C GLY A 395 23.99 -12.56 13.42
N LEU A 396 24.04 -11.31 13.89
CA LEU A 396 22.89 -10.64 14.48
C LEU A 396 22.93 -9.18 14.07
N ARG A 397 21.82 -8.67 13.54
CA ARG A 397 21.67 -7.26 13.20
C ARG A 397 21.04 -6.51 14.37
N LEU A 398 21.59 -5.34 14.71
CA LEU A 398 21.11 -4.51 15.80
C LEU A 398 21.09 -3.06 15.33
N GLY A 399 20.06 -2.33 15.72
CA GLY A 399 19.84 -0.98 15.22
C GLY A 399 19.50 -0.01 16.32
N ALA A 400 19.98 1.23 16.17
CA ALA A 400 19.75 2.31 17.12
C ALA A 400 18.47 3.17 16.98
N PRO A 401 17.90 3.34 15.76
CA PRO A 401 16.88 4.40 15.58
C PRO A 401 15.65 4.36 16.51
N ALA A 402 15.12 3.17 16.76
CA ALA A 402 13.90 3.03 17.54
C ALA A 402 14.09 3.48 19.00
N LEU A 403 15.11 2.94 19.66
CA LEU A 403 15.41 3.33 21.03
C LEU A 403 15.89 4.77 21.13
N THR A 404 16.62 5.25 20.13
CA THR A 404 17.04 6.65 20.09
C THR A 404 15.81 7.59 20.07
N SER A 405 14.73 7.16 19.42
CA SER A 405 13.46 7.92 19.40
C SER A 405 12.79 7.95 20.77
N ARG A 406 13.03 6.92 21.57
CA ARG A 406 12.65 6.90 22.99
C ARG A 406 13.67 7.60 23.91
N GLN A 407 14.49 8.51 23.35
CA GLN A 407 15.47 9.30 24.09
C GLN A 407 16.62 8.50 24.76
N PHE A 408 16.92 7.31 24.25
CA PHE A 408 18.11 6.56 24.70
C PHE A 408 19.36 7.34 24.29
N ARG A 409 20.35 7.35 25.18
CA ARG A 409 21.64 7.95 24.92
C ARG A 409 22.71 6.85 24.99
N GLU A 410 23.98 7.23 24.90
CA GLU A 410 25.07 6.27 24.79
C GLU A 410 25.14 5.30 25.99
N ASP A 411 25.00 5.83 27.21
CA ASP A 411 24.99 5.00 28.44
C ASP A 411 23.87 3.97 28.43
N ASP A 412 22.71 4.38 27.89
CA ASP A 412 21.54 3.50 27.81
C ASP A 412 21.79 2.34 26.85
N PHE A 413 22.46 2.62 25.73
CA PHE A 413 22.84 1.55 24.80
C PHE A 413 23.92 0.64 25.33
N ARG A 414 24.87 1.18 26.11
CA ARG A 414 25.81 0.33 26.86
C ARG A 414 25.05 -0.60 27.80
N ARG A 415 24.07 -0.04 28.51
CA ARG A 415 23.15 -0.82 29.34
C ARG A 415 22.39 -1.89 28.51
N VAL A 416 21.93 -1.52 27.30
CA VAL A 416 21.32 -2.48 26.36
C VAL A 416 22.28 -3.62 26.01
N VAL A 417 23.55 -3.30 25.77
CA VAL A 417 24.56 -4.32 25.46
C VAL A 417 24.78 -5.28 26.65
N ASP A 418 24.69 -4.76 27.89
CA ASP A 418 24.78 -5.63 29.08
C ASP A 418 23.68 -6.70 29.05
N PHE A 419 22.46 -6.28 28.77
CA PHE A 419 21.32 -7.22 28.68
C PHE A 419 21.49 -8.23 27.55
N ILE A 420 21.96 -7.76 26.39
CA ILE A 420 22.21 -8.65 25.25
C ILE A 420 23.23 -9.72 25.65
N ASP A 421 24.33 -9.26 26.24
CA ASP A 421 25.41 -10.15 26.67
C ASP A 421 24.90 -11.26 27.59
N GLU A 422 24.10 -10.88 28.60
CA GLU A 422 23.45 -11.86 29.48
C GLU A 422 22.62 -12.87 28.71
N GLY A 423 21.88 -12.39 27.72
CA GLY A 423 21.09 -13.25 26.85
C GLY A 423 21.96 -14.21 26.06
N VAL A 424 23.06 -13.68 25.51
CA VAL A 424 24.04 -14.49 24.77
C VAL A 424 24.60 -15.57 25.70
N ASN A 425 25.01 -15.16 26.91
CA ASN A 425 25.55 -16.10 27.90
C ASN A 425 24.54 -17.17 28.33
N ILE A 426 23.26 -16.80 28.44
CA ILE A 426 22.19 -17.77 28.66
C ILE A 426 22.09 -18.72 27.46
N GLY A 427 22.17 -18.17 26.25
CA GLY A 427 22.19 -18.97 25.02
C GLY A 427 23.36 -19.93 24.94
N LEU A 428 24.53 -19.52 25.42
CA LEU A 428 25.71 -20.40 25.49
C LEU A 428 25.48 -21.59 26.41
N GLU A 429 24.93 -21.35 27.60
CA GLU A 429 24.66 -22.42 28.57
C GLU A 429 23.61 -23.42 28.08
N VAL A 430 22.58 -22.92 27.40
CA VAL A 430 21.53 -23.78 26.85
C VAL A 430 22.04 -24.58 25.64
N LYS A 431 23.01 -24.03 24.91
CA LYS A 431 23.65 -24.73 23.79
C LYS A 431 24.40 -25.98 24.23
N SER A 432 25.14 -25.90 25.33
CA SER A 432 25.90 -27.04 25.87
C SER A 432 25.01 -28.17 26.42
N LYS A 433 23.76 -27.85 26.77
CA LYS A 433 22.79 -28.84 27.27
C LYS A 433 21.84 -29.40 26.19
N THR A 434 21.92 -28.89 24.95
CA THR A 434 21.06 -29.35 23.84
C THR A 434 21.86 -29.61 22.56
N ALA A 435 21.23 -30.27 21.60
CA ALA A 435 21.87 -30.65 20.34
C ALA A 435 21.38 -29.79 19.17
N LYS A 436 20.10 -29.94 18.83
CA LYS A 436 19.50 -29.30 17.66
C LYS A 436 18.81 -27.98 18.02
N LEU A 437 18.30 -27.27 17.01
CA LEU A 437 17.62 -25.98 17.22
C LEU A 437 16.27 -26.15 17.92
N GLN A 438 15.48 -27.11 17.46
CA GLN A 438 14.19 -27.42 18.11
C GLN A 438 14.35 -27.92 19.56
N ASP A 439 15.50 -28.51 19.89
CA ASP A 439 15.86 -28.82 21.28
C ASP A 439 16.16 -27.54 22.06
N PHE A 440 17.07 -26.73 21.50
CA PHE A 440 17.45 -25.44 22.10
C PHE A 440 16.22 -24.59 22.40
N LYS A 441 15.40 -24.35 21.38
CA LYS A 441 14.20 -23.52 21.51
C LYS A 441 13.20 -24.03 22.55
N SER A 442 12.98 -25.34 22.58
CA SER A 442 12.05 -25.94 23.55
C SER A 442 12.62 -25.96 24.98
N PHE A 443 13.94 -26.17 25.10
CA PHE A 443 14.63 -26.14 26.40
C PHE A 443 14.50 -24.79 27.11
N LEU A 444 14.38 -23.71 26.33
CA LEU A 444 14.13 -22.37 26.88
C LEU A 444 12.76 -22.25 27.55
N LEU A 445 11.76 -22.95 27.01
CA LEU A 445 10.41 -22.98 27.59
C LEU A 445 10.26 -24.02 28.72
N LYS A 446 10.79 -25.23 28.50
CA LYS A 446 10.54 -26.38 29.38
C LYS A 446 11.41 -26.45 30.64
N ASP A 447 12.71 -26.17 30.49
CA ASP A 447 13.66 -26.26 31.61
C ASP A 447 13.36 -25.22 32.69
N SER A 448 13.40 -25.64 33.95
CA SER A 448 13.03 -24.78 35.07
C SER A 448 14.05 -23.68 35.31
N GLU A 449 15.33 -24.06 35.43
CA GLU A 449 16.40 -23.11 35.73
C GLU A 449 16.51 -22.04 34.64
N THR A 450 16.47 -22.47 33.38
CA THR A 450 16.52 -21.57 32.22
C THR A 450 15.32 -20.62 32.19
N SER A 451 14.12 -21.18 32.38
CA SER A 451 12.86 -20.41 32.45
C SER A 451 12.91 -19.27 33.49
N GLN A 452 13.41 -19.58 34.69
CA GLN A 452 13.57 -18.60 35.76
C GLN A 452 14.55 -17.50 35.40
N ARG A 453 15.74 -17.90 34.94
CA ARG A 453 16.82 -16.96 34.56
C ARG A 453 16.36 -15.96 33.49
N LEU A 454 15.60 -16.46 32.53
CA LEU A 454 14.97 -15.64 31.49
C LEU A 454 13.93 -14.68 32.08
N ALA A 455 13.07 -15.19 32.95
CA ALA A 455 12.05 -14.36 33.61
C ALA A 455 12.66 -13.23 34.42
N ASN A 456 13.75 -13.51 35.13
CA ASN A 456 14.50 -12.48 35.86
C ASN A 456 15.03 -11.39 34.92
N LEU A 457 15.64 -11.82 33.82
CA LEU A 457 16.23 -10.89 32.86
C LEU A 457 15.16 -10.07 32.15
N ARG A 458 14.09 -10.76 31.74
CA ARG A 458 12.94 -10.12 31.10
C ARG A 458 12.37 -8.97 31.95
N GLN A 459 12.10 -9.26 33.22
CA GLN A 459 11.58 -8.26 34.16
C GLN A 459 12.53 -7.08 34.32
N ARG A 460 13.84 -7.34 34.32
CA ARG A 460 14.83 -6.26 34.40
C ARG A 460 14.88 -5.45 33.10
N VAL A 461 14.83 -6.11 31.95
CA VAL A 461 14.75 -5.42 30.66
C VAL A 461 13.51 -4.51 30.61
N GLU A 462 12.36 -5.08 31.00
CA GLU A 462 11.08 -4.36 30.91
C GLU A 462 10.96 -3.18 31.86
N GLN A 463 11.44 -3.33 33.09
CA GLN A 463 11.55 -2.22 34.04
C GLN A 463 12.41 -1.10 33.48
N PHE A 464 13.50 -1.47 32.84
CA PHE A 464 14.40 -0.50 32.21
C PHE A 464 13.72 0.22 31.03
N ALA A 465 13.12 -0.53 30.11
CA ALA A 465 12.48 0.04 28.93
C ALA A 465 11.27 0.95 29.24
N ARG A 466 10.41 0.52 30.16
CA ARG A 466 9.16 1.23 30.48
C ARG A 466 9.35 2.66 30.92
N ALA A 467 10.48 2.96 31.56
CA ALA A 467 10.75 4.30 32.07
C ALA A 467 11.03 5.35 31.00
N PHE A 468 11.43 4.89 29.81
CA PHE A 468 11.70 5.82 28.70
C PHE A 468 10.42 6.21 27.98
N PRO A 469 10.34 7.46 27.50
CA PRO A 469 9.14 7.91 26.79
C PRO A 469 8.91 7.18 25.47
N MET A 470 7.65 7.08 25.08
CA MET A 470 7.25 6.42 23.83
C MET A 470 6.48 7.40 22.94
N PRO A 471 6.98 7.65 21.71
CA PRO A 471 6.20 8.43 20.76
C PRO A 471 4.87 7.76 20.41
N GLY A 472 3.85 8.57 20.09
CA GLY A 472 2.52 8.08 19.68
C GLY A 472 1.40 8.50 20.61
N PHE A 473 0.29 7.76 20.57
CA PHE A 473 -0.82 7.95 21.50
C PHE A 473 -0.54 7.18 22.79
N ASP A 474 -1.19 7.60 23.88
CA ASP A 474 -1.00 6.97 25.21
C ASP A 474 -1.36 5.48 25.25
N GLU A 475 -2.58 5.16 24.82
CA GLU A 475 -3.19 3.84 25.05
C GLU A 475 -3.06 2.84 23.91
N HIS A 476 -2.93 3.32 22.68
CA HIS A 476 -2.97 2.46 21.49
C HIS A 476 -2.00 2.94 20.42
N TRP B 15 11.55 16.94 22.24
CA TRP B 15 10.62 16.23 21.30
C TRP B 15 10.25 14.85 21.82
N THR B 16 8.96 14.66 22.08
CA THR B 16 8.42 13.38 22.53
C THR B 16 7.81 12.54 21.39
N GLY B 17 7.31 13.21 20.35
CA GLY B 17 6.43 12.56 19.37
C GLY B 17 5.08 12.19 19.97
N GLN B 18 4.64 12.93 20.99
CA GLN B 18 3.31 12.79 21.58
C GLN B 18 2.52 14.10 21.47
N GLU B 19 3.05 15.05 20.69
CA GLU B 19 2.43 16.36 20.49
C GLU B 19 1.30 16.20 19.47
N SER B 20 0.28 17.05 19.58
CA SER B 20 -0.86 16.98 18.67
C SER B 20 -0.47 17.50 17.30
N LEU B 21 -1.20 17.04 16.29
CA LEU B 21 -0.99 17.50 14.92
C LEU B 21 -1.28 19.00 14.82
N SER B 22 -2.37 19.45 15.45
CA SER B 22 -2.75 20.86 15.45
C SER B 22 -1.66 21.75 16.06
N ASP B 23 -1.02 21.30 17.13
CA ASP B 23 0.09 22.06 17.74
C ASP B 23 1.35 22.04 16.89
N SER B 24 1.73 20.86 16.39
CA SER B 24 3.04 20.67 15.77
C SER B 24 3.10 20.96 14.26
N ASP B 25 2.00 20.74 13.55
CA ASP B 25 1.91 21.04 12.10
C ASP B 25 0.57 21.72 11.78
N PRO B 26 0.44 23.03 12.11
CA PRO B 26 -0.78 23.79 11.80
C PRO B 26 -1.15 23.82 10.32
N GLU B 27 -0.15 23.89 9.44
CA GLU B 27 -0.39 23.90 8.00
C GLU B 27 -1.15 22.65 7.57
N MET B 28 -0.73 21.50 8.07
CA MET B 28 -1.38 20.24 7.73
C MET B 28 -2.75 20.13 8.38
N TRP B 29 -2.84 20.49 9.67
CA TRP B 29 -4.09 20.42 10.40
C TRP B 29 -5.21 21.22 9.72
N GLU B 30 -4.88 22.40 9.19
CA GLU B 30 -5.87 23.22 8.47
C GLU B 30 -6.33 22.54 7.19
N LEU B 31 -5.41 21.90 6.47
CA LEU B 31 -5.75 21.15 5.27
C LEU B 31 -6.69 19.97 5.57
N LEU B 32 -6.48 19.29 6.70
CA LEU B 32 -7.38 18.21 7.12
C LEU B 32 -8.78 18.76 7.46
N GLN B 33 -8.81 19.90 8.13
CA GLN B 33 -10.07 20.58 8.44
C GLN B 33 -10.79 21.11 7.19
N ARG B 34 -10.02 21.62 6.23
CA ARG B 34 -10.55 22.04 4.93
C ARG B 34 -11.16 20.87 4.15
N GLU B 35 -10.51 19.71 4.20
CA GLU B 35 -11.01 18.50 3.54
C GLU B 35 -12.21 17.91 4.26
N LYS B 36 -12.21 17.99 5.59
CA LYS B 36 -13.32 17.48 6.39
C LYS B 36 -14.57 18.34 6.18
N ASP B 37 -14.37 19.66 6.05
CA ASP B 37 -15.45 20.59 5.73
C ASP B 37 -16.01 20.28 4.35
N ARG B 38 -15.12 20.12 3.36
CA ARG B 38 -15.50 19.77 1.99
C ARG B 38 -16.37 18.51 1.91
N GLN B 39 -15.98 17.47 2.62
CA GLN B 39 -16.75 16.22 2.66
C GLN B 39 -18.12 16.38 3.30
N CYS B 40 -18.17 17.18 4.36
CA CYS B 40 -19.43 17.44 5.07
C CYS B 40 -20.41 18.26 4.22
N ARG B 41 -19.92 19.35 3.63
CA ARG B 41 -20.76 20.26 2.86
C ARG B 41 -21.19 19.74 1.46
N GLY B 42 -20.48 18.75 0.93
CA GLY B 42 -20.74 18.25 -0.42
C GLY B 42 -21.68 17.07 -0.47
N LEU B 43 -22.16 16.77 -1.67
CA LEU B 43 -22.89 15.54 -1.95
C LEU B 43 -22.00 14.57 -2.73
N GLU B 44 -21.57 13.49 -2.08
CA GLU B 44 -20.61 12.55 -2.65
C GLU B 44 -21.32 11.46 -3.44
N LEU B 45 -21.28 11.59 -4.77
CA LEU B 45 -21.94 10.64 -5.67
C LEU B 45 -20.97 9.73 -6.44
N ILE B 46 -19.68 9.80 -6.11
CA ILE B 46 -18.70 8.90 -6.68
C ILE B 46 -18.99 7.52 -6.09
N ALA B 47 -19.20 6.54 -6.97
CA ALA B 47 -19.64 5.19 -6.54
C ALA B 47 -18.57 4.38 -5.84
N SER B 48 -17.31 4.80 -6.00
CA SER B 48 -16.20 4.19 -5.27
C SER B 48 -15.93 4.78 -3.89
N GLU B 49 -16.49 5.96 -3.57
CA GLU B 49 -16.27 6.61 -2.27
C GLU B 49 -17.21 6.11 -1.19
N ASN B 50 -16.78 6.23 0.06
CA ASN B 50 -17.61 5.99 1.23
C ASN B 50 -17.04 6.81 2.37
N PHE B 51 -17.62 6.68 3.56
CA PHE B 51 -17.13 7.36 4.74
C PHE B 51 -16.85 6.34 5.83
N CYS B 52 -15.58 6.27 6.22
CA CYS B 52 -15.07 5.24 7.11
C CYS B 52 -15.44 5.57 8.55
N SER B 53 -15.70 4.53 9.34
CA SER B 53 -16.05 4.71 10.75
C SER B 53 -14.86 5.23 11.54
N ARG B 54 -15.16 5.95 12.63
CA ARG B 54 -14.12 6.44 13.53
C ARG B 54 -13.35 5.28 14.17
N ALA B 55 -14.06 4.22 14.53
CA ALA B 55 -13.46 3.03 15.11
C ALA B 55 -12.30 2.50 14.25
N ALA B 56 -12.57 2.36 12.95
CA ALA B 56 -11.57 1.91 11.99
C ALA B 56 -10.39 2.86 11.88
N LEU B 57 -10.67 4.16 11.79
CA LEU B 57 -9.62 5.17 11.67
C LEU B 57 -8.73 5.25 12.93
N GLU B 58 -9.29 4.95 14.10
CA GLU B 58 -8.51 4.88 15.34
C GLU B 58 -7.48 3.76 15.29
N ALA B 59 -7.90 2.60 14.80
CA ALA B 59 -6.98 1.49 14.56
C ALA B 59 -5.93 1.85 13.50
N LEU B 60 -6.36 2.56 12.48
CA LEU B 60 -5.51 2.96 11.37
C LEU B 60 -4.37 3.90 11.80
N GLY B 61 -4.61 4.73 12.82
CA GLY B 61 -3.57 5.59 13.40
C GLY B 61 -3.03 5.08 14.72
N SER B 62 -2.82 3.77 14.83
CA SER B 62 -2.38 3.15 16.07
C SER B 62 -0.87 2.86 16.05
N CYS B 63 -0.38 2.29 17.14
CA CYS B 63 1.01 1.86 17.25
C CYS B 63 1.34 0.65 16.37
N LEU B 64 0.33 -0.01 15.79
CA LEU B 64 0.57 -1.09 14.83
C LEU B 64 1.33 -0.65 13.57
N ASN B 65 1.38 0.65 13.30
CA ASN B 65 2.29 1.22 12.32
C ASN B 65 3.79 0.94 12.61
N ASN B 66 4.14 0.81 13.89
CA ASN B 66 5.53 0.64 14.33
C ASN B 66 6.07 -0.79 14.31
N LYS B 67 5.37 -1.73 13.67
CA LYS B 67 5.78 -3.14 13.72
C LYS B 67 6.06 -3.72 12.34
N TYR B 68 7.29 -4.22 12.14
CA TYR B 68 7.67 -4.96 10.95
C TYR B 68 7.36 -6.42 11.24
N SER B 69 6.53 -7.03 10.40
CA SER B 69 6.12 -8.42 10.55
C SER B 69 6.06 -9.10 9.19
N GLU B 70 7.16 -9.02 8.45
CA GLU B 70 7.28 -9.72 7.17
C GLU B 70 7.09 -11.22 7.37
N GLY B 71 6.36 -11.85 6.45
CA GLY B 71 5.96 -13.26 6.59
C GLY B 71 4.49 -13.38 6.97
N TYR B 72 4.15 -14.45 7.66
CA TYR B 72 2.76 -14.75 8.05
C TYR B 72 2.67 -15.21 9.51
N PRO B 73 1.45 -15.24 10.08
CA PRO B 73 1.31 -15.68 11.46
C PRO B 73 2.01 -17.00 11.76
N GLY B 74 2.86 -17.02 12.78
CA GLY B 74 3.64 -18.21 13.13
C GLY B 74 4.87 -18.49 12.27
N LYS B 75 5.03 -17.76 11.16
CA LYS B 75 6.14 -17.93 10.24
C LYS B 75 6.63 -16.56 9.81
N ARG B 76 7.03 -15.78 10.82
CA ARG B 76 7.56 -14.45 10.63
C ARG B 76 9.08 -14.53 10.51
N TYR B 77 9.67 -13.44 10.05
CA TYR B 77 11.11 -13.34 9.87
C TYR B 77 11.77 -12.73 11.12
N TYR B 78 11.06 -11.82 11.76
CA TYR B 78 11.43 -11.27 13.07
C TYR B 78 10.51 -11.80 14.16
N GLY B 79 10.96 -11.66 15.40
CA GLY B 79 10.17 -11.96 16.59
C GLY B 79 9.47 -10.72 17.12
N GLY B 80 8.88 -10.86 18.30
CA GLY B 80 8.05 -9.82 18.89
C GLY B 80 6.71 -9.64 18.19
N ALA B 81 6.26 -10.69 17.49
CA ALA B 81 5.08 -10.62 16.61
C ALA B 81 3.85 -11.36 17.17
N GLU B 82 3.79 -11.56 18.48
CA GLU B 82 2.71 -12.35 19.08
C GLU B 82 1.33 -11.71 18.92
N VAL B 83 1.27 -10.38 19.06
CA VAL B 83 0.01 -9.65 19.03
C VAL B 83 -0.45 -9.42 17.59
N VAL B 84 0.46 -8.96 16.73
CA VAL B 84 0.14 -8.77 15.31
C VAL B 84 -0.29 -10.06 14.61
N ASP B 85 0.26 -11.20 15.03
CA ASP B 85 -0.23 -12.51 14.59
C ASP B 85 -1.71 -12.71 14.92
N GLU B 86 -2.09 -12.41 16.17
CA GLU B 86 -3.50 -12.49 16.59
C GLU B 86 -4.38 -11.50 15.81
N ILE B 87 -3.86 -10.32 15.50
CA ILE B 87 -4.60 -9.34 14.72
C ILE B 87 -4.78 -9.82 13.28
N GLU B 88 -3.72 -10.36 12.68
CA GLU B 88 -3.81 -10.87 11.31
C GLU B 88 -4.75 -12.07 11.24
N LEU B 89 -4.60 -13.01 12.17
CA LEU B 89 -5.47 -14.19 12.22
C LEU B 89 -6.93 -13.82 12.50
N LEU B 90 -7.15 -12.80 13.31
CA LEU B 90 -8.49 -12.27 13.55
C LEU B 90 -9.05 -11.58 12.32
N CYS B 91 -8.23 -10.82 11.61
CA CYS B 91 -8.67 -10.20 10.36
C CYS B 91 -9.06 -11.25 9.31
N GLN B 92 -8.35 -12.39 9.31
CA GLN B 92 -8.67 -13.51 8.42
C GLN B 92 -10.03 -14.10 8.78
N ARG B 93 -10.18 -14.50 10.05
CA ARG B 93 -11.42 -15.10 10.54
C ARG B 93 -12.62 -14.20 10.27
N ARG B 94 -12.51 -12.92 10.62
CA ARG B 94 -13.56 -11.95 10.38
C ARG B 94 -13.88 -11.73 8.90
N ALA B 95 -12.87 -11.83 8.04
CA ALA B 95 -13.08 -11.76 6.60
C ALA B 95 -13.90 -12.96 6.09
N LEU B 96 -13.58 -14.16 6.58
CA LEU B 96 -14.33 -15.36 6.20
C LEU B 96 -15.78 -15.27 6.71
N GLU B 97 -15.94 -14.90 7.98
CA GLU B 97 -17.27 -14.69 8.59
C GLU B 97 -18.12 -13.70 7.79
N ALA B 98 -17.53 -12.58 7.38
CA ALA B 98 -18.27 -11.50 6.70
C ALA B 98 -18.87 -11.91 5.34
N PHE B 99 -18.28 -12.93 4.70
CA PHE B 99 -18.80 -13.45 3.43
C PHE B 99 -19.35 -14.88 3.54
N ASP B 100 -19.61 -15.31 4.78
CA ASP B 100 -20.18 -16.62 5.08
C ASP B 100 -19.45 -17.76 4.35
N LEU B 101 -18.16 -17.89 4.66
CA LEU B 101 -17.29 -18.89 4.03
C LEU B 101 -16.81 -19.87 5.09
N ASP B 102 -16.77 -21.14 4.73
CA ASP B 102 -16.26 -22.20 5.60
C ASP B 102 -14.71 -22.14 5.59
N PRO B 103 -14.07 -22.11 6.77
CA PRO B 103 -12.60 -22.15 6.83
C PRO B 103 -11.92 -23.34 6.15
N ALA B 104 -12.61 -24.48 6.07
CA ALA B 104 -12.09 -25.66 5.35
C ALA B 104 -12.12 -25.49 3.82
N GLN B 105 -13.06 -24.69 3.31
CA GLN B 105 -13.19 -24.42 1.87
C GLN B 105 -12.46 -23.16 1.39
N TRP B 106 -12.35 -22.15 2.25
CA TRP B 106 -11.73 -20.86 1.88
C TRP B 106 -10.65 -20.44 2.88
N GLY B 107 -9.56 -19.91 2.32
CA GLY B 107 -8.59 -19.11 3.04
C GLY B 107 -8.60 -17.71 2.48
N VAL B 108 -7.90 -16.79 3.16
CA VAL B 108 -7.86 -15.39 2.77
C VAL B 108 -6.51 -14.74 3.14
N ASN B 109 -6.03 -13.86 2.27
CA ASN B 109 -4.83 -13.07 2.50
C ASN B 109 -5.24 -11.64 2.78
N VAL B 110 -4.88 -11.13 3.94
CA VAL B 110 -5.30 -9.77 4.35
C VAL B 110 -4.19 -8.70 4.20
N GLN B 111 -3.06 -9.09 3.63
CA GLN B 111 -1.90 -8.18 3.51
C GLN B 111 -1.86 -7.23 2.30
N PRO B 112 -2.68 -7.44 1.25
CA PRO B 112 -2.49 -6.53 0.10
C PRO B 112 -2.75 -5.07 0.44
N TYR B 113 -1.89 -4.20 -0.09
CA TYR B 113 -1.91 -2.78 0.25
C TYR B 113 -3.14 -2.04 -0.29
N SER B 114 -3.68 -2.52 -1.41
CA SER B 114 -4.91 -1.97 -1.98
C SER B 114 -5.55 -3.05 -2.89
N GLY B 115 -6.52 -2.67 -3.70
CA GLY B 115 -7.13 -3.62 -4.63
C GLY B 115 -6.27 -3.95 -5.84
N SER B 116 -5.56 -2.95 -6.38
CA SER B 116 -4.64 -3.18 -7.51
C SER B 116 -3.49 -4.14 -7.14
N PRO B 117 -2.84 -3.96 -5.98
CA PRO B 117 -1.87 -4.96 -5.54
C PRO B 117 -2.44 -6.37 -5.40
N ALA B 118 -3.67 -6.47 -4.90
CA ALA B 118 -4.30 -7.78 -4.73
C ALA B 118 -4.48 -8.49 -6.07
N ASN B 119 -4.84 -7.73 -7.11
CA ASN B 119 -5.01 -8.32 -8.44
C ASN B 119 -3.68 -8.78 -9.03
N LEU B 120 -2.66 -7.92 -8.98
CA LEU B 120 -1.31 -8.28 -9.46
C LEU B 120 -0.75 -9.49 -8.72
N ALA B 121 -1.02 -9.58 -7.43
CA ALA B 121 -0.63 -10.73 -6.64
C ALA B 121 -1.26 -12.03 -7.13
N VAL B 122 -2.54 -11.97 -7.51
CA VAL B 122 -3.25 -13.15 -8.05
C VAL B 122 -2.64 -13.58 -9.39
N TYR B 123 -2.34 -12.61 -10.25
CA TYR B 123 -1.79 -12.91 -11.56
C TYR B 123 -0.39 -13.51 -11.39
N THR B 124 0.43 -12.84 -10.57
CA THR B 124 1.77 -13.32 -10.27
C THR B 124 1.75 -14.72 -9.65
N ALA B 125 0.79 -14.97 -8.77
CA ALA B 125 0.65 -16.27 -8.11
C ALA B 125 0.30 -17.41 -9.07
N LEU B 126 -0.61 -17.16 -10.00
CA LEU B 126 -1.22 -18.22 -10.82
C LEU B 126 -0.77 -18.26 -12.28
N LEU B 127 -0.20 -17.17 -12.79
CA LEU B 127 0.21 -17.08 -14.18
C LEU B 127 1.71 -16.85 -14.33
N GLN B 128 2.29 -17.44 -15.37
CA GLN B 128 3.62 -17.09 -15.84
C GLN B 128 3.60 -15.74 -16.53
N PRO B 129 4.75 -15.05 -16.59
CA PRO B 129 4.77 -13.81 -17.37
C PRO B 129 4.34 -14.07 -18.82
N HIS B 130 3.60 -13.12 -19.37
CA HIS B 130 3.05 -13.23 -20.73
C HIS B 130 1.89 -14.23 -20.92
N ASP B 131 1.43 -14.88 -19.84
CA ASP B 131 0.22 -15.71 -19.89
C ASP B 131 -0.99 -14.81 -20.12
N ARG B 132 -2.09 -15.44 -20.54
CA ARG B 132 -3.22 -14.70 -21.09
C ARG B 132 -4.34 -14.44 -20.09
N ILE B 133 -4.84 -13.21 -20.12
CA ILE B 133 -5.88 -12.73 -19.20
C ILE B 133 -7.01 -12.12 -20.02
N MET B 134 -8.26 -12.36 -19.60
CA MET B 134 -9.43 -11.67 -20.17
C MET B 134 -10.21 -10.91 -19.10
N GLY B 135 -10.45 -9.63 -19.35
CA GLY B 135 -11.26 -8.79 -18.49
C GLY B 135 -12.19 -7.91 -19.29
N LEU B 136 -13.20 -7.35 -18.64
CA LEU B 136 -14.14 -6.43 -19.29
C LEU B 136 -13.38 -5.20 -19.72
N ASP B 137 -13.62 -4.73 -20.94
CA ASP B 137 -12.88 -3.60 -21.48
C ASP B 137 -13.11 -2.37 -20.61
N LEU B 138 -12.12 -1.49 -20.58
CA LEU B 138 -12.14 -0.32 -19.68
C LEU B 138 -13.32 0.63 -19.95
N PRO B 139 -13.50 1.12 -21.20
CA PRO B 139 -14.69 1.92 -21.50
C PRO B 139 -16.02 1.16 -21.38
N ASP B 140 -16.00 -0.16 -21.47
CA ASP B 140 -17.17 -1.00 -21.20
C ASP B 140 -17.44 -1.27 -19.69
N GLY B 141 -16.73 -0.56 -18.80
CA GLY B 141 -16.96 -0.68 -17.35
C GLY B 141 -16.01 -1.59 -16.56
N GLY B 142 -14.87 -1.95 -17.16
CA GLY B 142 -13.86 -2.75 -16.47
C GLY B 142 -12.87 -1.87 -15.73
N HIS B 143 -12.02 -2.50 -14.92
CA HIS B 143 -10.96 -1.80 -14.21
C HIS B 143 -9.62 -1.90 -14.95
N LEU B 144 -8.80 -0.84 -14.84
CA LEU B 144 -7.42 -0.82 -15.39
C LEU B 144 -6.62 -2.10 -15.14
N THR B 145 -6.72 -2.62 -13.91
CA THR B 145 -5.96 -3.78 -13.46
C THR B 145 -6.38 -5.11 -14.07
N HIS B 146 -7.48 -5.11 -14.84
CA HIS B 146 -7.92 -6.30 -15.56
C HIS B 146 -7.29 -6.44 -16.95
N GLY B 147 -6.52 -5.43 -17.35
CA GLY B 147 -5.84 -5.42 -18.63
C GLY B 147 -6.29 -4.17 -19.34
N TYR B 148 -5.34 -3.39 -19.85
CA TYR B 148 -5.70 -2.26 -20.70
C TYR B 148 -4.51 -1.78 -21.54
N MET B 149 -4.68 -1.86 -22.86
CA MET B 149 -3.74 -1.34 -23.82
C MET B 149 -4.48 -0.37 -24.74
N SER B 150 -3.83 0.73 -25.09
CA SER B 150 -4.28 1.57 -26.19
C SER B 150 -3.69 1.00 -27.49
N ASP B 151 -3.89 1.72 -28.60
CA ASP B 151 -3.31 1.33 -29.89
C ASP B 151 -1.80 1.54 -29.90
N VAL B 152 -1.33 2.57 -29.18
CA VAL B 152 0.11 2.92 -29.15
C VAL B 152 0.90 2.36 -27.96
N LYS B 153 0.25 2.03 -26.84
CA LYS B 153 0.99 1.54 -25.66
C LYS B 153 0.21 0.69 -24.66
N ARG B 154 0.96 -0.13 -23.92
CA ARG B 154 0.42 -0.88 -22.80
C ARG B 154 0.31 0.09 -21.63
N ILE B 155 -0.91 0.24 -21.10
CA ILE B 155 -1.21 1.23 -20.06
C ILE B 155 -1.10 0.56 -18.70
N SER B 156 -1.89 -0.47 -18.48
CA SER B 156 -1.86 -1.25 -17.24
C SER B 156 -0.61 -2.11 -17.20
N ALA B 157 -0.09 -2.32 -15.99
CA ALA B 157 1.03 -3.22 -15.76
C ALA B 157 0.60 -4.67 -15.99
N THR B 158 -0.70 -4.92 -15.85
CA THR B 158 -1.29 -6.20 -16.20
C THR B 158 -1.07 -6.56 -17.67
N SER B 159 -1.10 -5.56 -18.53
CA SER B 159 -0.85 -5.74 -19.96
C SER B 159 0.63 -5.75 -20.36
N ILE B 160 1.48 -5.19 -19.49
CA ILE B 160 2.93 -5.24 -19.68
C ILE B 160 3.47 -6.64 -19.35
N PHE B 161 3.16 -7.13 -18.17
CA PHE B 161 3.72 -8.40 -17.67
C PHE B 161 2.90 -9.64 -18.06
N PHE B 162 1.64 -9.41 -18.46
CA PHE B 162 0.77 -10.49 -18.95
C PHE B 162 0.10 -10.03 -20.24
N GLU B 163 -0.54 -10.97 -20.93
CA GLU B 163 -1.17 -10.71 -22.22
C GLU B 163 -2.68 -10.66 -22.05
N SER B 164 -3.24 -9.45 -22.15
CA SER B 164 -4.67 -9.23 -21.91
C SER B 164 -5.43 -9.00 -23.21
N MET B 165 -6.60 -9.63 -23.32
CA MET B 165 -7.57 -9.30 -24.36
C MET B 165 -8.91 -8.95 -23.69
N PRO B 166 -9.47 -7.78 -24.03
CA PRO B 166 -10.71 -7.38 -23.39
C PRO B 166 -11.92 -8.14 -23.95
N TYR B 167 -12.92 -8.40 -23.11
CA TYR B 167 -14.25 -8.79 -23.58
C TYR B 167 -15.20 -7.61 -23.46
N LYS B 168 -16.11 -7.48 -24.41
CA LYS B 168 -16.91 -6.28 -24.58
C LYS B 168 -18.36 -6.44 -24.07
N LEU B 169 -19.03 -5.29 -23.93
CA LEU B 169 -20.46 -5.24 -23.68
C LEU B 169 -21.21 -5.39 -25.01
N ASN B 170 -22.39 -6.00 -24.92
CA ASN B 170 -23.39 -5.92 -25.98
C ASN B 170 -23.94 -4.49 -26.02
N PRO B 171 -23.69 -3.75 -27.12
CA PRO B 171 -24.11 -2.34 -27.13
C PRO B 171 -25.63 -2.07 -27.25
N LYS B 172 -26.43 -3.13 -27.42
CA LYS B 172 -27.89 -3.01 -27.45
C LYS B 172 -28.46 -3.15 -26.04
N THR B 173 -28.14 -4.26 -25.37
CA THR B 173 -28.62 -4.53 -24.03
C THR B 173 -27.86 -3.77 -22.92
N GLY B 174 -26.65 -3.31 -23.22
CA GLY B 174 -25.75 -2.72 -22.19
C GLY B 174 -25.22 -3.72 -21.18
N LEU B 175 -25.34 -5.01 -21.49
CA LEU B 175 -24.92 -6.08 -20.61
C LEU B 175 -23.63 -6.68 -21.15
N ILE B 176 -23.04 -7.57 -20.36
CA ILE B 176 -21.85 -8.31 -20.77
C ILE B 176 -22.28 -9.35 -21.78
N ASP B 177 -21.75 -9.26 -23.00
CA ASP B 177 -22.02 -10.26 -24.02
C ASP B 177 -21.34 -11.57 -23.64
N TYR B 178 -22.07 -12.41 -22.91
CA TYR B 178 -21.56 -13.70 -22.47
C TYR B 178 -21.33 -14.67 -23.63
N ASN B 179 -22.07 -14.51 -24.72
CA ASN B 179 -21.91 -15.34 -25.91
C ASN B 179 -20.58 -15.05 -26.61
N GLN B 180 -20.32 -13.77 -26.89
CA GLN B 180 -19.07 -13.37 -27.52
C GLN B 180 -17.85 -13.65 -26.64
N LEU B 181 -18.00 -13.51 -25.31
CA LEU B 181 -16.95 -13.91 -24.38
C LEU B 181 -16.56 -15.36 -24.61
N ALA B 182 -17.56 -16.25 -24.61
CA ALA B 182 -17.33 -17.68 -24.86
C ALA B 182 -16.75 -17.97 -26.24
N LEU B 183 -17.14 -17.17 -27.25
CA LEU B 183 -16.60 -17.28 -28.62
C LEU B 183 -15.13 -16.92 -28.66
N THR B 184 -14.79 -15.74 -28.14
CA THR B 184 -13.41 -15.25 -28.12
C THR B 184 -12.51 -16.03 -27.15
N ALA B 185 -13.04 -16.42 -26.00
CA ALA B 185 -12.27 -17.17 -24.99
C ALA B 185 -11.77 -18.50 -25.51
N ARG B 186 -12.57 -19.20 -26.30
CA ARG B 186 -12.14 -20.49 -26.87
C ARG B 186 -11.11 -20.32 -28.00
N LEU B 187 -11.01 -19.12 -28.58
CA LEU B 187 -9.96 -18.77 -29.54
C LEU B 187 -8.68 -18.24 -28.88
N PHE B 188 -8.83 -17.23 -28.03
CA PHE B 188 -7.71 -16.56 -27.34
C PHE B 188 -7.06 -17.43 -26.26
N ARG B 189 -7.85 -18.34 -25.68
CA ARG B 189 -7.37 -19.32 -24.71
C ARG B 189 -6.72 -18.74 -23.45
N PRO B 190 -7.42 -17.82 -22.74
CA PRO B 190 -6.83 -17.21 -21.55
C PRO B 190 -6.70 -18.19 -20.42
N ARG B 191 -5.70 -17.99 -19.57
CA ARG B 191 -5.51 -18.82 -18.40
C ARG B 191 -6.32 -18.30 -17.20
N LEU B 192 -6.73 -17.05 -17.27
CA LEU B 192 -7.56 -16.47 -16.24
C LEU B 192 -8.57 -15.53 -16.86
N ILE B 193 -9.82 -15.59 -16.40
CA ILE B 193 -10.84 -14.61 -16.80
C ILE B 193 -11.31 -13.87 -15.55
N ILE B 194 -11.44 -12.55 -15.67
CA ILE B 194 -11.81 -11.70 -14.56
C ILE B 194 -13.26 -11.27 -14.69
N ALA B 195 -14.06 -11.65 -13.68
CA ALA B 195 -15.45 -11.22 -13.55
C ALA B 195 -15.53 -10.13 -12.49
N GLY B 196 -15.55 -8.89 -12.92
CA GLY B 196 -15.68 -7.78 -12.01
C GLY B 196 -15.69 -6.48 -12.75
N THR B 197 -16.21 -5.42 -12.12
CA THR B 197 -16.44 -4.16 -12.83
C THR B 197 -16.18 -2.92 -11.99
N SER B 198 -15.83 -1.86 -12.70
CA SER B 198 -15.71 -0.52 -12.16
C SER B 198 -17.05 0.23 -12.34
N ALA B 199 -17.62 0.18 -13.55
CA ALA B 199 -18.80 0.98 -13.92
C ALA B 199 -19.83 0.16 -14.69
N TYR B 200 -20.67 -0.55 -13.94
CA TYR B 200 -21.66 -1.47 -14.50
C TYR B 200 -22.80 -1.59 -13.47
N ALA B 201 -24.02 -1.33 -13.92
CA ALA B 201 -25.18 -1.22 -13.01
C ALA B 201 -25.92 -2.53 -12.76
N ARG B 202 -25.50 -3.62 -13.39
CA ARG B 202 -26.21 -4.90 -13.30
C ARG B 202 -25.37 -5.95 -12.62
N LEU B 203 -26.02 -7.05 -12.28
CA LEU B 203 -25.32 -8.19 -11.70
C LEU B 203 -24.59 -8.97 -12.81
N ILE B 204 -23.59 -9.74 -12.38
CA ILE B 204 -22.77 -10.55 -13.28
C ILE B 204 -23.21 -11.99 -13.14
N ASP B 205 -23.22 -12.70 -14.25
CA ASP B 205 -23.64 -14.09 -14.29
C ASP B 205 -22.44 -14.97 -14.00
N TYR B 206 -22.08 -15.05 -12.72
CA TYR B 206 -20.90 -15.80 -12.28
C TYR B 206 -21.01 -17.30 -12.61
N ALA B 207 -22.23 -17.81 -12.69
CA ALA B 207 -22.50 -19.17 -13.18
C ALA B 207 -22.10 -19.33 -14.66
N ARG B 208 -22.44 -18.33 -15.47
CA ARG B 208 -22.07 -18.31 -16.89
C ARG B 208 -20.57 -18.12 -17.07
N MET B 209 -20.00 -17.20 -16.30
CA MET B 209 -18.55 -16.99 -16.29
C MET B 209 -17.81 -18.30 -16.00
N ARG B 210 -18.26 -19.04 -15.01
CA ARG B 210 -17.67 -20.33 -14.65
C ARG B 210 -17.84 -21.40 -15.72
N GLU B 211 -18.96 -21.36 -16.45
CA GLU B 211 -19.15 -22.25 -17.62
C GLU B 211 -18.05 -22.03 -18.67
N VAL B 212 -17.78 -20.75 -18.98
CA VAL B 212 -16.74 -20.40 -19.96
C VAL B 212 -15.36 -20.80 -19.45
N CYS B 213 -15.05 -20.42 -18.21
CA CYS B 213 -13.78 -20.80 -17.56
C CYS B 213 -13.59 -22.33 -17.46
N ASP B 214 -14.67 -23.07 -17.22
CA ASP B 214 -14.62 -24.54 -17.20
C ASP B 214 -14.30 -25.13 -18.58
N GLU B 215 -14.90 -24.57 -19.62
CA GLU B 215 -14.75 -25.10 -20.98
C GLU B 215 -13.31 -24.94 -21.46
N VAL B 216 -12.83 -23.69 -21.40
CA VAL B 216 -11.48 -23.32 -21.86
C VAL B 216 -10.37 -23.52 -20.81
N LYS B 217 -10.64 -24.25 -19.72
CA LYS B 217 -9.63 -24.57 -18.70
C LYS B 217 -9.00 -23.33 -18.02
N ALA B 218 -9.73 -22.23 -17.92
CA ALA B 218 -9.25 -21.00 -17.28
C ALA B 218 -9.65 -20.92 -15.81
N HIS B 219 -8.95 -20.04 -15.08
CA HIS B 219 -9.30 -19.67 -13.72
C HIS B 219 -10.34 -18.56 -13.78
N LEU B 220 -11.28 -18.58 -12.83
CA LEU B 220 -12.22 -17.48 -12.66
C LEU B 220 -11.83 -16.62 -11.45
N LEU B 221 -11.54 -15.35 -11.71
CA LEU B 221 -11.28 -14.36 -10.68
C LEU B 221 -12.48 -13.44 -10.60
N ALA B 222 -13.10 -13.36 -9.43
CA ALA B 222 -14.12 -12.36 -9.16
C ALA B 222 -13.46 -11.17 -8.47
N ASP B 223 -13.46 -10.01 -9.13
CA ASP B 223 -12.97 -8.80 -8.50
C ASP B 223 -14.19 -8.00 -8.07
N MET B 224 -14.63 -8.24 -6.83
CA MET B 224 -15.86 -7.65 -6.28
C MET B 224 -15.68 -6.32 -5.55
N ALA B 225 -14.61 -5.58 -5.86
CA ALA B 225 -14.26 -4.35 -5.15
C ALA B 225 -15.48 -3.43 -4.91
N HIS B 226 -16.19 -3.12 -5.99
CA HIS B 226 -17.33 -2.20 -5.95
C HIS B 226 -18.53 -2.72 -5.14
N ILE B 227 -18.72 -4.03 -5.11
CA ILE B 227 -19.96 -4.62 -4.60
C ILE B 227 -19.75 -5.45 -3.33
N SER B 228 -18.54 -5.41 -2.75
CA SER B 228 -18.16 -6.34 -1.66
C SER B 228 -19.05 -6.21 -0.42
N GLY B 229 -19.47 -4.99 -0.10
CA GLY B 229 -20.40 -4.78 1.00
C GLY B 229 -21.75 -5.43 0.73
N LEU B 230 -22.26 -5.19 -0.49
CA LEU B 230 -23.52 -5.78 -0.94
C LEU B 230 -23.47 -7.31 -0.88
N VAL B 231 -22.30 -7.90 -1.17
CA VAL B 231 -22.13 -9.37 -1.09
C VAL B 231 -22.10 -9.87 0.35
N ALA B 232 -21.45 -9.14 1.24
CA ALA B 232 -21.39 -9.51 2.67
C ALA B 232 -22.78 -9.41 3.31
N ALA B 233 -23.47 -8.30 3.03
CA ALA B 233 -24.84 -8.07 3.48
C ALA B 233 -25.89 -9.02 2.87
N LYS B 234 -25.52 -9.74 1.81
CA LYS B 234 -26.37 -10.72 1.14
C LYS B 234 -27.60 -10.07 0.50
N VAL B 235 -27.42 -8.84 0.03
CA VAL B 235 -28.46 -8.12 -0.70
C VAL B 235 -28.33 -8.31 -2.22
N ILE B 236 -27.22 -8.92 -2.66
CA ILE B 236 -27.08 -9.43 -4.03
C ILE B 236 -26.44 -10.82 -3.97
N PRO B 237 -26.52 -11.60 -5.07
CA PRO B 237 -25.89 -12.92 -5.03
C PRO B 237 -24.35 -12.86 -4.93
N SER B 238 -23.78 -13.93 -4.38
CA SER B 238 -22.38 -13.99 -4.02
C SER B 238 -21.55 -14.52 -5.18
N PRO B 239 -20.42 -13.84 -5.51
CA PRO B 239 -19.44 -14.42 -6.45
C PRO B 239 -18.74 -15.69 -5.94
N PHE B 240 -18.79 -15.92 -4.63
CA PHE B 240 -18.10 -17.06 -4.00
C PHE B 240 -18.72 -18.44 -4.30
N LYS B 241 -19.91 -18.47 -4.89
CA LYS B 241 -20.54 -19.73 -5.31
C LYS B 241 -19.89 -20.32 -6.56
N HIS B 242 -19.35 -19.45 -7.43
CA HIS B 242 -18.80 -19.88 -8.73
C HIS B 242 -17.31 -19.55 -8.98
N ALA B 243 -16.72 -18.67 -8.18
CA ALA B 243 -15.36 -18.20 -8.42
C ALA B 243 -14.32 -19.03 -7.68
N ASP B 244 -13.15 -19.17 -8.32
CA ASP B 244 -11.97 -19.81 -7.72
C ASP B 244 -11.30 -18.85 -6.74
N ILE B 245 -11.11 -17.61 -7.21
CA ILE B 245 -10.41 -16.56 -6.49
C ILE B 245 -11.34 -15.35 -6.44
N VAL B 246 -11.38 -14.68 -5.29
CA VAL B 246 -12.07 -13.41 -5.15
C VAL B 246 -11.10 -12.38 -4.60
N THR B 247 -10.98 -11.26 -5.31
CA THR B 247 -10.24 -10.11 -4.81
C THR B 247 -11.20 -8.99 -4.51
N THR B 248 -10.84 -8.15 -3.55
CA THR B 248 -11.60 -6.94 -3.27
C THR B 248 -10.78 -5.86 -2.57
N THR B 249 -11.22 -4.62 -2.77
CA THR B 249 -10.89 -3.54 -1.89
C THR B 249 -11.65 -3.73 -0.59
N THR B 250 -11.04 -3.29 0.50
CA THR B 250 -11.69 -3.27 1.82
C THR B 250 -12.50 -1.99 2.01
N HIS B 251 -12.25 -1.00 1.15
CA HIS B 251 -12.99 0.26 1.12
C HIS B 251 -14.18 0.12 0.13
N1 LLP B 252 -10.68 -3.58 -9.07
C2 LLP B 252 -11.90 -3.01 -9.24
C2' LLP B 252 -12.96 -3.62 -10.13
C3 LLP B 252 -12.19 -1.75 -8.57
O3 LLP B 252 -13.38 -1.14 -8.71
C4 LLP B 252 -11.15 -1.13 -7.69
C4' LLP B 252 -11.47 0.16 -6.99
C5 LLP B 252 -9.85 -1.85 -7.59
C6 LLP B 252 -9.71 -3.06 -8.29
C5' LLP B 252 -8.69 -1.38 -6.74
OP4 LLP B 252 -8.46 0.02 -6.63
P LLP B 252 -7.32 0.55 -5.60
OP1 LLP B 252 -6.08 -0.24 -6.00
OP2 LLP B 252 -7.78 0.23 -4.21
OP3 LLP B 252 -7.28 2.02 -5.90
N LLP B 252 -14.70 1.23 -0.41
CA LLP B 252 -15.88 1.21 -1.29
CB LLP B 252 -15.61 0.42 -2.59
CG LLP B 252 -14.63 1.20 -3.45
CD LLP B 252 -13.76 0.33 -4.34
CE LLP B 252 -13.39 1.09 -5.61
NZ LLP B 252 -12.88 0.20 -6.63
C LLP B 252 -17.10 0.80 -0.47
O LLP B 252 -17.30 1.37 0.61
N THR B 253 -17.90 -0.16 -0.92
CA THR B 253 -19.12 -0.52 -0.21
C THR B 253 -18.89 -1.22 1.12
N LEU B 254 -17.74 -1.87 1.29
CA LEU B 254 -17.39 -2.45 2.61
C LEU B 254 -17.14 -1.38 3.67
N ARG B 255 -16.82 -0.15 3.25
CA ARG B 255 -16.71 1.01 4.16
C ARG B 255 -15.53 0.90 5.15
N GLY B 256 -14.47 0.19 4.75
CA GLY B 256 -13.27 0.05 5.56
C GLY B 256 -12.18 1.04 5.17
N ALA B 257 -11.01 0.83 5.74
CA ALA B 257 -9.82 1.58 5.36
C ALA B 257 -9.34 1.09 4.00
N ARG B 258 -8.55 1.92 3.32
CA ARG B 258 -7.92 1.50 2.07
C ARG B 258 -6.94 0.34 2.25
N SER B 259 -7.30 -0.81 1.68
CA SER B 259 -6.52 -2.04 1.73
C SER B 259 -7.14 -3.04 0.73
N GLY B 260 -6.68 -4.28 0.75
CA GLY B 260 -7.15 -5.29 -0.19
C GLY B 260 -7.21 -6.66 0.42
N LEU B 261 -8.00 -7.53 -0.20
CA LEU B 261 -8.11 -8.92 0.24
C LEU B 261 -7.99 -9.83 -0.97
N ILE B 262 -7.49 -11.04 -0.74
CA ILE B 262 -7.51 -12.09 -1.75
C ILE B 262 -8.08 -13.31 -1.05
N PHE B 263 -9.26 -13.74 -1.48
CA PHE B 263 -9.86 -14.99 -1.02
C PHE B 263 -9.55 -16.07 -2.05
N TYR B 264 -9.27 -17.28 -1.58
CA TYR B 264 -8.92 -18.39 -2.47
C TYR B 264 -9.57 -19.67 -1.97
N ARG B 265 -9.96 -20.54 -2.90
CA ARG B 265 -10.44 -21.88 -2.55
C ARG B 265 -9.31 -22.70 -1.96
N LYS B 266 -9.63 -23.59 -1.03
CA LYS B 266 -8.64 -24.52 -0.48
C LYS B 266 -9.31 -25.85 -0.11
N GLY B 267 -8.48 -26.84 0.25
CA GLY B 267 -8.93 -28.20 0.53
C GLY B 267 -8.97 -29.01 -0.75
N VAL B 268 -10.01 -29.81 -0.92
CA VAL B 268 -10.17 -30.71 -2.08
C VAL B 268 -10.99 -30.02 -3.18
N LYS B 269 -10.52 -30.15 -4.42
CA LYS B 269 -11.24 -29.65 -5.59
C LYS B 269 -12.08 -30.76 -6.19
N ALA B 270 -11.41 -31.82 -6.65
CA ALA B 270 -12.04 -32.93 -7.37
C ALA B 270 -11.40 -34.26 -7.02
N VAL B 271 -12.10 -35.35 -7.40
CA VAL B 271 -11.64 -36.72 -7.20
C VAL B 271 -11.86 -37.48 -8.51
N ASP B 272 -10.79 -38.10 -9.03
CA ASP B 272 -10.87 -38.92 -10.24
C ASP B 272 -11.11 -40.38 -9.81
N PRO B 273 -12.14 -41.06 -10.37
CA PRO B 273 -12.32 -42.49 -10.08
C PRO B 273 -11.18 -43.41 -10.57
N LYS B 274 -10.49 -43.01 -11.64
CA LYS B 274 -9.42 -43.81 -12.24
C LYS B 274 -8.17 -43.86 -11.36
N THR B 275 -7.70 -42.69 -10.93
CA THR B 275 -6.56 -42.60 -9.98
C THR B 275 -7.00 -43.02 -8.57
N GLY B 276 -8.24 -42.72 -8.20
CA GLY B 276 -8.82 -43.12 -6.92
C GLY B 276 -8.28 -42.31 -5.75
N ARG B 277 -8.23 -40.99 -5.93
CA ARG B 277 -7.67 -40.08 -4.93
C ARG B 277 -8.14 -38.64 -5.11
N GLU B 278 -7.93 -37.82 -4.08
CA GLU B 278 -8.33 -36.41 -4.08
C GLU B 278 -7.26 -35.53 -4.73
N ILE B 279 -7.72 -34.57 -5.54
CA ILE B 279 -6.85 -33.59 -6.20
C ILE B 279 -7.05 -32.23 -5.52
N PRO B 280 -6.09 -31.80 -4.66
CA PRO B 280 -6.31 -30.58 -3.88
C PRO B 280 -6.17 -29.29 -4.69
N TYR B 281 -6.85 -28.25 -4.22
CA TYR B 281 -6.60 -26.88 -4.69
C TYR B 281 -5.16 -26.48 -4.34
N THR B 282 -4.50 -25.77 -5.25
CA THR B 282 -3.11 -25.34 -5.06
C THR B 282 -2.98 -23.82 -5.06
N PHE B 283 -4.02 -23.12 -4.61
CA PHE B 283 -4.05 -21.66 -4.62
C PHE B 283 -3.31 -21.05 -3.42
N GLU B 284 -3.55 -21.62 -2.24
CA GLU B 284 -3.12 -21.00 -0.98
C GLU B 284 -1.64 -20.61 -0.96
N ASP B 285 -0.77 -21.60 -1.09
CA ASP B 285 0.67 -21.38 -1.02
C ASP B 285 1.17 -20.40 -2.07
N ARG B 286 0.63 -20.50 -3.28
CA ARG B 286 1.04 -19.62 -4.38
C ARG B 286 0.57 -18.18 -4.21
N ILE B 287 -0.67 -18.00 -3.74
CA ILE B 287 -1.23 -16.67 -3.48
C ILE B 287 -0.44 -15.99 -2.37
N ASN B 288 -0.22 -16.72 -1.26
CA ASN B 288 0.51 -16.19 -0.12
C ASN B 288 1.97 -15.85 -0.47
N PHE B 289 2.64 -16.75 -1.19
CA PHE B 289 4.02 -16.52 -1.63
C PHE B 289 4.15 -15.31 -2.57
N ALA B 290 3.15 -15.09 -3.42
CA ALA B 290 3.18 -13.98 -4.37
C ALA B 290 3.05 -12.62 -3.68
N VAL B 291 2.21 -12.57 -2.64
CA VAL B 291 2.07 -11.35 -1.83
C VAL B 291 3.37 -11.10 -1.08
N PHE B 292 3.86 -12.15 -0.41
CA PHE B 292 5.16 -12.11 0.23
C PHE B 292 5.82 -13.50 0.22
N PRO B 293 7.07 -13.64 -0.23
CA PRO B 293 8.04 -12.55 -0.45
C PRO B 293 8.09 -11.88 -1.83
N SER B 294 7.26 -12.29 -2.78
CA SER B 294 7.46 -11.87 -4.17
C SER B 294 7.18 -10.40 -4.44
N LEU B 295 6.07 -9.86 -3.94
CA LEU B 295 5.64 -8.52 -4.34
C LEU B 295 5.73 -7.46 -3.26
N GLN B 296 5.27 -7.78 -2.05
CA GLN B 296 5.19 -6.77 -1.01
C GLN B 296 6.29 -6.92 0.02
N GLY B 297 6.44 -5.89 0.85
CA GLY B 297 7.37 -5.89 1.95
C GLY B 297 6.60 -6.05 3.24
N GLY B 298 6.83 -5.12 4.16
CA GLY B 298 6.23 -5.18 5.47
C GLY B 298 4.72 -4.99 5.40
N PRO B 299 3.96 -5.87 6.07
CA PRO B 299 2.51 -5.63 6.16
C PRO B 299 2.20 -4.30 6.82
N HIS B 300 1.07 -3.71 6.44
CA HIS B 300 0.58 -2.50 7.07
C HIS B 300 -0.44 -2.93 8.12
N ASN B 301 0.06 -3.25 9.32
CA ASN B 301 -0.76 -3.88 10.37
C ASN B 301 -1.87 -2.98 10.90
N HIS B 302 -1.57 -1.69 11.01
CA HIS B 302 -2.58 -0.66 11.24
C HIS B 302 -3.76 -0.69 10.24
N ALA B 303 -3.47 -0.91 8.95
CA ALA B 303 -4.54 -1.12 7.95
C ALA B 303 -5.25 -2.44 8.15
N ILE B 304 -4.50 -3.51 8.41
CA ILE B 304 -5.09 -4.83 8.66
C ILE B 304 -6.09 -4.78 9.83
N ALA B 305 -5.72 -4.05 10.88
CA ALA B 305 -6.57 -3.89 12.07
C ALA B 305 -7.81 -3.06 11.76
N ALA B 306 -7.64 -2.01 10.96
CA ALA B 306 -8.74 -1.16 10.52
C ALA B 306 -9.71 -1.92 9.61
N VAL B 307 -9.17 -2.81 8.79
CA VAL B 307 -9.98 -3.68 7.95
C VAL B 307 -10.80 -4.62 8.83
N ALA B 308 -10.15 -5.28 9.78
CA ALA B 308 -10.83 -6.16 10.74
C ALA B 308 -11.96 -5.46 11.52
N VAL B 309 -11.77 -4.18 11.85
CA VAL B 309 -12.82 -3.39 12.49
C VAL B 309 -14.03 -3.22 11.55
N ALA B 310 -13.76 -2.86 10.30
CA ALA B 310 -14.81 -2.77 9.28
C ALA B 310 -15.45 -4.13 8.96
N LEU B 311 -14.66 -5.20 8.96
CA LEU B 311 -15.19 -6.54 8.68
C LEU B 311 -16.15 -7.04 9.76
N LYS B 312 -15.87 -6.65 11.02
CA LYS B 312 -16.79 -6.89 12.13
C LYS B 312 -18.09 -6.10 11.90
N GLN B 313 -17.97 -4.81 11.58
CA GLN B 313 -19.12 -3.96 11.29
C GLN B 313 -20.02 -4.57 10.20
N ALA B 314 -19.41 -5.15 9.17
CA ALA B 314 -20.14 -5.72 8.03
C ALA B 314 -20.92 -6.99 8.35
N CYS B 315 -20.56 -7.68 9.42
CA CYS B 315 -21.31 -8.85 9.92
C CYS B 315 -22.62 -8.50 10.63
N THR B 316 -22.83 -7.22 10.98
CA THR B 316 -23.96 -6.86 11.83
C THR B 316 -25.25 -6.66 11.02
N PRO B 317 -26.42 -6.82 11.68
CA PRO B 317 -27.73 -6.41 11.15
C PRO B 317 -27.75 -4.96 10.66
N MET B 318 -27.12 -4.07 11.41
CA MET B 318 -26.96 -2.67 11.02
C MET B 318 -26.46 -2.49 9.60
N PHE B 319 -25.42 -3.26 9.25
CA PHE B 319 -24.80 -3.15 7.92
C PHE B 319 -25.70 -3.66 6.80
N ARG B 320 -26.36 -4.79 7.04
CA ARG B 320 -27.37 -5.33 6.11
C ARG B 320 -28.45 -4.29 5.78
N GLU B 321 -29.00 -3.63 6.79
N GLU B 321 -28.98 -3.64 6.81
CA GLU B 321 -29.99 -2.57 6.57
CA GLU B 321 -29.96 -2.57 6.67
C GLU B 321 -29.41 -1.37 5.82
C GLU B 321 -29.41 -1.39 5.85
N TYR B 322 -28.15 -1.04 6.11
CA TYR B 322 -27.42 -0.03 5.31
C TYR B 322 -27.29 -0.47 3.84
N SER B 323 -27.00 -1.74 3.62
CA SER B 323 -26.85 -2.28 2.26
C SER B 323 -28.17 -2.36 1.48
N LEU B 324 -29.25 -2.75 2.15
CA LEU B 324 -30.59 -2.70 1.56
C LEU B 324 -30.93 -1.26 1.19
N GLN B 325 -30.58 -0.32 2.07
CA GLN B 325 -30.84 1.09 1.82
C GLN B 325 -30.01 1.67 0.66
N VAL B 326 -28.84 1.10 0.39
CA VAL B 326 -28.02 1.50 -0.76
C VAL B 326 -28.75 1.14 -2.06
N LEU B 327 -29.20 -0.12 -2.16
CA LEU B 327 -29.95 -0.60 -3.31
C LEU B 327 -31.22 0.22 -3.57
N LYS B 328 -32.01 0.45 -2.51
CA LYS B 328 -33.21 1.31 -2.58
C LYS B 328 -32.89 2.70 -3.09
N ASN B 329 -31.82 3.29 -2.54
CA ASN B 329 -31.38 4.64 -2.91
C ASN B 329 -30.80 4.75 -4.32
N ALA B 330 -30.25 3.64 -4.82
CA ALA B 330 -29.82 3.55 -6.22
C ALA B 330 -31.05 3.46 -7.14
N ARG B 331 -31.96 2.54 -6.81
CA ARG B 331 -33.26 2.42 -7.51
C ARG B 331 -34.05 3.73 -7.49
N ALA B 332 -34.09 4.38 -6.34
CA ALA B 332 -34.73 5.70 -6.18
C ALA B 332 -34.08 6.78 -7.04
N MET B 333 -32.75 6.74 -7.12
CA MET B 333 -32.01 7.67 -7.99
C MET B 333 -32.23 7.33 -9.47
N ALA B 334 -32.32 6.03 -9.79
CA ALA B 334 -32.60 5.57 -11.15
C ALA B 334 -34.02 5.95 -11.59
N ASP B 335 -35.01 5.52 -10.79
CA ASP B 335 -36.43 5.79 -11.07
C ASP B 335 -36.71 7.30 -11.18
N ALA B 336 -36.08 8.09 -10.31
CA ALA B 336 -36.22 9.55 -10.36
C ALA B 336 -35.60 10.19 -11.59
N LEU B 337 -34.54 9.59 -12.12
CA LEU B 337 -33.91 10.07 -13.35
C LEU B 337 -34.77 9.75 -14.57
N LEU B 338 -35.23 8.49 -14.66
CA LEU B 338 -36.15 8.04 -15.71
C LEU B 338 -37.39 8.96 -15.81
N GLU B 339 -37.98 9.24 -14.65
CA GLU B 339 -39.17 10.09 -14.53
C GLU B 339 -38.94 11.59 -14.80
N ARG B 340 -37.68 12.04 -14.87
CA ARG B 340 -37.36 13.41 -15.30
C ARG B 340 -36.67 13.45 -16.68
N GLY B 341 -36.87 12.38 -17.46
CA GLY B 341 -36.47 12.35 -18.87
C GLY B 341 -35.00 12.03 -19.15
N TYR B 342 -34.46 11.06 -18.40
CA TYR B 342 -33.07 10.62 -18.57
C TYR B 342 -33.05 9.16 -18.98
N SER B 343 -32.05 8.81 -19.81
CA SER B 343 -31.82 7.44 -20.24
C SER B 343 -30.71 6.81 -19.39
N LEU B 344 -30.90 5.55 -19.01
CA LEU B 344 -29.94 4.78 -18.21
C LEU B 344 -29.39 3.58 -18.97
N VAL B 345 -28.06 3.40 -18.92
CA VAL B 345 -27.40 2.26 -19.56
C VAL B 345 -27.86 0.99 -18.86
N SER B 346 -28.29 0.00 -19.65
CA SER B 346 -29.01 -1.20 -19.17
C SER B 346 -30.41 -0.90 -18.60
N GLY B 347 -30.94 0.29 -18.86
CA GLY B 347 -32.28 0.70 -18.41
C GLY B 347 -32.58 0.76 -16.91
N GLY B 348 -31.55 0.90 -16.07
CA GLY B 348 -31.73 0.93 -14.62
C GLY B 348 -30.54 0.36 -13.85
N THR B 349 -30.83 -0.29 -12.73
CA THR B 349 -29.79 -0.85 -11.86
C THR B 349 -30.28 -2.00 -10.98
N ASP B 350 -29.37 -2.90 -10.65
CA ASP B 350 -29.57 -3.93 -9.63
C ASP B 350 -28.51 -3.82 -8.54
N ASN B 351 -27.87 -2.67 -8.42
CA ASN B 351 -26.77 -2.49 -7.47
C ASN B 351 -26.68 -1.06 -6.91
N HIS B 352 -25.54 -0.73 -6.33
CA HIS B 352 -25.31 0.55 -5.66
C HIS B 352 -25.17 1.77 -6.58
N LEU B 353 -25.05 1.57 -7.90
CA LEU B 353 -24.79 2.69 -8.81
C LEU B 353 -25.77 2.75 -9.97
N VAL B 354 -25.72 3.87 -10.68
CA VAL B 354 -26.52 4.10 -11.87
C VAL B 354 -25.65 4.79 -12.93
N LEU B 355 -25.73 4.27 -14.15
CA LEU B 355 -25.01 4.80 -15.29
C LEU B 355 -26.01 5.61 -16.10
N VAL B 356 -25.80 6.92 -16.13
CA VAL B 356 -26.73 7.84 -16.77
C VAL B 356 -26.18 8.16 -18.15
N ASP B 357 -26.87 7.68 -19.19
CA ASP B 357 -26.57 8.05 -20.57
C ASP B 357 -27.12 9.46 -20.77
N LEU B 358 -26.23 10.44 -20.91
CA LEU B 358 -26.62 11.85 -21.11
C LEU B 358 -26.78 12.24 -22.58
N ARG B 359 -26.42 11.35 -23.50
CA ARG B 359 -26.57 11.62 -24.95
C ARG B 359 -28.04 11.79 -25.37
N PRO B 360 -28.95 10.87 -24.96
CA PRO B 360 -30.40 11.03 -25.23
C PRO B 360 -31.08 12.28 -24.63
N LYS B 361 -30.42 12.96 -23.68
CA LYS B 361 -30.83 14.30 -23.25
C LYS B 361 -29.88 15.39 -23.78
N GLY B 362 -29.23 15.14 -24.91
CA GLY B 362 -28.37 16.11 -25.58
C GLY B 362 -27.22 16.67 -24.76
N LEU B 363 -26.51 15.82 -24.03
CA LEU B 363 -25.31 16.22 -23.28
C LEU B 363 -24.31 15.07 -23.16
N ASP B 364 -23.13 15.39 -22.62
CA ASP B 364 -22.06 14.42 -22.37
C ASP B 364 -21.67 14.38 -20.88
N GLY B 365 -20.76 13.48 -20.55
CA GLY B 365 -20.26 13.31 -19.19
C GLY B 365 -19.30 14.38 -18.69
N ALA B 366 -18.37 14.78 -19.55
CA ALA B 366 -17.34 15.77 -19.19
C ALA B 366 -17.95 17.13 -18.83
N ARG B 367 -19.00 17.50 -19.55
CA ARG B 367 -19.70 18.77 -19.32
C ARG B 367 -20.46 18.74 -18.00
N ALA B 368 -21.28 17.70 -17.81
CA ALA B 368 -22.02 17.50 -16.57
C ALA B 368 -21.12 17.48 -15.33
N GLU B 369 -20.01 16.74 -15.42
CA GLU B 369 -19.05 16.58 -14.31
C GLU B 369 -18.58 17.92 -13.74
N ARG B 370 -18.09 18.80 -14.61
CA ARG B 370 -17.50 20.07 -14.17
C ARG B 370 -18.54 21.03 -13.58
N VAL B 371 -19.77 20.99 -14.09
CA VAL B 371 -20.86 21.82 -13.58
C VAL B 371 -21.27 21.36 -12.17
N LEU B 372 -21.52 20.06 -12.04
CA LEU B 372 -21.88 19.46 -10.75
C LEU B 372 -20.81 19.69 -9.68
N GLU B 373 -19.55 19.48 -10.06
CA GLU B 373 -18.39 19.72 -9.18
C GLU B 373 -18.44 21.12 -8.55
N LEU B 374 -18.75 22.13 -9.37
CA LEU B 374 -18.81 23.52 -8.90
C LEU B 374 -19.91 23.81 -7.88
N VAL B 375 -20.95 22.98 -7.87
CA VAL B 375 -22.02 23.07 -6.86
C VAL B 375 -21.90 21.98 -5.77
N SER B 376 -20.66 21.58 -5.45
CA SER B 376 -20.35 20.60 -4.40
C SER B 376 -21.01 19.22 -4.59
N ILE B 377 -21.21 18.83 -5.86
CA ILE B 377 -21.74 17.52 -6.19
C ILE B 377 -20.65 16.81 -7.01
N THR B 378 -20.10 15.73 -6.45
CA THR B 378 -18.97 15.03 -7.05
C THR B 378 -19.38 13.68 -7.62
N ALA B 379 -19.36 13.60 -8.95
CA ALA B 379 -19.55 12.35 -9.70
C ALA B 379 -18.47 12.27 -10.78
N ASN B 380 -18.43 11.16 -11.53
CA ASN B 380 -17.44 11.02 -12.61
C ASN B 380 -18.06 10.68 -13.96
N LYS B 381 -17.45 11.22 -15.01
CA LYS B 381 -17.81 10.90 -16.39
C LYS B 381 -17.60 9.42 -16.71
N ASN B 382 -18.35 8.93 -17.69
CA ASN B 382 -18.45 7.51 -17.99
C ASN B 382 -18.75 7.25 -19.46
N THR B 383 -18.10 6.23 -20.02
CA THR B 383 -18.32 5.85 -21.41
C THR B 383 -19.52 4.91 -21.50
N CYS B 384 -20.48 5.25 -22.36
CA CYS B 384 -21.66 4.42 -22.62
C CYS B 384 -21.55 3.65 -23.93
N PRO B 385 -22.34 2.57 -24.08
CA PRO B 385 -22.38 1.83 -25.36
C PRO B 385 -22.73 2.70 -26.58
N GLY B 386 -23.66 3.65 -26.39
CA GLY B 386 -24.07 4.56 -27.46
C GLY B 386 -23.10 5.69 -27.80
N ASP B 387 -21.96 5.78 -27.12
CA ASP B 387 -20.92 6.79 -27.40
C ASP B 387 -20.57 6.88 -28.88
N ARG B 388 -20.95 7.98 -29.51
CA ARG B 388 -20.63 8.24 -30.92
C ARG B 388 -19.15 8.63 -31.07
N SER B 389 -18.67 9.46 -30.14
CA SER B 389 -17.26 9.85 -30.05
C SER B 389 -16.53 9.00 -29.01
N ALA B 390 -15.29 8.61 -29.33
CA ALA B 390 -14.47 7.80 -28.43
C ALA B 390 -13.75 8.64 -27.37
N ILE B 391 -13.43 9.89 -27.69
CA ILE B 391 -12.67 10.77 -26.78
C ILE B 391 -13.58 11.34 -25.68
N THR B 392 -14.59 12.13 -26.09
CA THR B 392 -15.50 12.79 -25.13
C THR B 392 -16.58 11.81 -24.63
N PRO B 393 -16.55 11.47 -23.32
CA PRO B 393 -17.44 10.42 -22.80
C PRO B 393 -18.86 10.92 -22.64
N GLY B 394 -19.84 10.06 -22.93
CA GLY B 394 -21.24 10.48 -23.03
C GLY B 394 -22.13 9.95 -21.93
N GLY B 395 -21.62 9.95 -20.70
CA GLY B 395 -22.37 9.44 -19.55
C GLY B 395 -21.88 9.90 -18.18
N LEU B 396 -22.55 9.43 -17.14
CA LEU B 396 -22.23 9.83 -15.78
C LEU B 396 -22.47 8.66 -14.84
N ARG B 397 -21.49 8.37 -13.99
CA ARG B 397 -21.62 7.35 -12.96
C ARG B 397 -22.00 8.06 -11.66
N LEU B 398 -23.13 7.65 -11.09
CA LEU B 398 -23.62 8.17 -9.81
C LEU B 398 -23.79 6.98 -8.90
N GLY B 399 -23.39 7.14 -7.65
CA GLY B 399 -23.40 6.07 -6.66
C GLY B 399 -24.08 6.47 -5.37
N ALA B 400 -24.74 5.49 -4.77
CA ALA B 400 -25.41 5.65 -3.47
C ALA B 400 -24.52 5.59 -2.21
N PRO B 401 -23.62 4.57 -2.09
CA PRO B 401 -23.00 4.17 -0.81
C PRO B 401 -22.59 5.27 0.16
N ALA B 402 -21.96 6.33 -0.35
CA ALA B 402 -21.45 7.41 0.48
C ALA B 402 -22.58 8.13 1.22
N LEU B 403 -23.48 8.73 0.47
CA LEU B 403 -24.57 9.51 1.07
C LEU B 403 -25.50 8.67 1.93
N THR B 404 -25.69 7.41 1.55
CA THR B 404 -26.41 6.44 2.39
C THR B 404 -25.78 6.26 3.77
N SER B 405 -24.44 6.28 3.83
CA SER B 405 -23.71 6.20 5.11
C SER B 405 -23.94 7.46 5.97
N ARG B 406 -24.30 8.57 5.33
CA ARG B 406 -24.78 9.78 6.01
C ARG B 406 -26.30 9.83 6.28
N GLN B 407 -26.95 8.66 6.36
CA GLN B 407 -28.39 8.57 6.65
C GLN B 407 -29.30 9.26 5.60
N PHE B 408 -28.93 9.16 4.33
CA PHE B 408 -29.81 9.59 3.24
C PHE B 408 -30.84 8.50 2.97
N ARG B 409 -32.09 8.92 2.83
CA ARG B 409 -33.22 8.05 2.44
C ARG B 409 -33.64 8.40 1.00
N GLU B 410 -34.65 7.67 0.49
CA GLU B 410 -35.09 7.79 -0.92
C GLU B 410 -35.46 9.22 -1.31
N ASP B 411 -36.24 9.88 -0.45
CA ASP B 411 -36.60 11.30 -0.64
C ASP B 411 -35.40 12.22 -0.75
N ASP B 412 -34.38 11.93 0.05
CA ASP B 412 -33.13 12.70 0.02
C ASP B 412 -32.44 12.48 -1.33
N PHE B 413 -32.44 11.22 -1.80
CA PHE B 413 -31.90 10.90 -3.12
C PHE B 413 -32.72 11.48 -4.28
N ARG B 414 -34.05 11.52 -4.15
CA ARG B 414 -34.89 12.22 -5.14
C ARG B 414 -34.57 13.73 -5.16
N ARG B 415 -34.26 14.27 -3.98
CA ARG B 415 -33.87 15.66 -3.84
C ARG B 415 -32.51 15.95 -4.47
N VAL B 416 -31.54 15.03 -4.38
CA VAL B 416 -30.23 15.23 -5.05
C VAL B 416 -30.34 15.11 -6.57
N VAL B 417 -31.21 14.21 -7.04
CA VAL B 417 -31.54 14.13 -8.48
C VAL B 417 -32.06 15.48 -8.99
N ASP B 418 -32.91 16.16 -8.20
CA ASP B 418 -33.40 17.49 -8.56
C ASP B 418 -32.26 18.52 -8.56
N PHE B 419 -31.36 18.42 -7.58
CA PHE B 419 -30.14 19.26 -7.55
C PHE B 419 -29.24 19.01 -8.75
N ILE B 420 -29.12 17.74 -9.15
CA ILE B 420 -28.35 17.34 -10.34
C ILE B 420 -29.03 17.89 -11.60
N ASP B 421 -30.30 17.57 -11.77
CA ASP B 421 -31.10 18.05 -12.92
C ASP B 421 -30.95 19.55 -13.15
N GLU B 422 -30.88 20.33 -12.07
CA GLU B 422 -30.66 21.77 -12.18
C GLU B 422 -29.26 22.07 -12.73
N GLY B 423 -28.26 21.29 -12.31
CA GLY B 423 -26.91 21.36 -12.86
C GLY B 423 -26.82 20.94 -14.33
N VAL B 424 -27.45 19.81 -14.65
CA VAL B 424 -27.53 19.33 -16.04
C VAL B 424 -28.18 20.39 -16.94
N ASN B 425 -29.30 20.96 -16.49
CA ASN B 425 -30.01 22.01 -17.22
C ASN B 425 -29.23 23.33 -17.39
N ILE B 426 -28.33 23.63 -16.45
CA ILE B 426 -27.35 24.70 -16.64
C ILE B 426 -26.31 24.27 -17.69
N GLY B 427 -25.88 23.00 -17.61
CA GLY B 427 -25.01 22.39 -18.61
C GLY B 427 -25.56 22.41 -20.02
N LEU B 428 -26.85 22.14 -20.16
CA LEU B 428 -27.54 22.20 -21.46
C LEU B 428 -27.65 23.63 -21.98
N GLU B 429 -27.83 24.60 -21.07
CA GLU B 429 -27.90 26.02 -21.45
C GLU B 429 -26.53 26.57 -21.81
N VAL B 430 -25.52 26.22 -21.02
CA VAL B 430 -24.14 26.66 -21.28
C VAL B 430 -23.60 26.02 -22.56
N LYS B 431 -23.95 24.76 -22.81
CA LYS B 431 -23.57 24.04 -24.05
C LYS B 431 -24.06 24.74 -25.32
N SER B 432 -25.36 25.08 -25.35
CA SER B 432 -25.96 25.75 -26.51
C SER B 432 -25.45 27.19 -26.75
N LYS B 433 -24.83 27.78 -25.74
CA LYS B 433 -24.15 29.09 -25.85
C LYS B 433 -22.62 28.91 -25.76
N THR B 434 -22.11 27.89 -26.45
CA THR B 434 -20.70 27.49 -26.37
C THR B 434 -20.31 26.58 -27.55
N ALA B 435 -19.04 26.60 -27.96
CA ALA B 435 -18.52 25.71 -28.99
C ALA B 435 -17.82 24.48 -28.41
N LYS B 436 -16.65 24.68 -27.80
CA LYS B 436 -15.77 23.57 -27.37
C LYS B 436 -16.00 23.17 -25.90
N LEU B 437 -15.30 22.13 -25.46
CA LEU B 437 -15.25 21.74 -24.03
C LEU B 437 -14.32 22.66 -23.21
N GLN B 438 -13.31 23.22 -23.87
CA GLN B 438 -12.45 24.25 -23.26
C GLN B 438 -13.26 25.52 -22.98
N ASP B 439 -14.00 25.96 -23.99
CA ASP B 439 -14.90 27.13 -23.89
C ASP B 439 -16.00 26.92 -22.82
N PHE B 440 -16.48 25.68 -22.72
CA PHE B 440 -17.50 25.28 -21.74
C PHE B 440 -17.09 25.52 -20.28
N LYS B 441 -15.80 25.37 -19.98
CA LYS B 441 -15.27 25.59 -18.63
C LYS B 441 -14.93 27.05 -18.37
N SER B 442 -14.49 27.77 -19.42
CA SER B 442 -14.27 29.22 -19.35
C SER B 442 -15.58 29.96 -19.04
N PHE B 443 -16.66 29.50 -19.67
CA PHE B 443 -17.99 30.12 -19.53
C PHE B 443 -18.53 30.02 -18.10
N LEU B 444 -18.31 28.88 -17.44
CA LEU B 444 -18.82 28.63 -16.08
C LEU B 444 -18.16 29.52 -15.03
N LEU B 445 -16.84 29.67 -15.12
CA LEU B 445 -16.08 30.47 -14.17
C LEU B 445 -16.29 31.97 -14.36
N LYS B 446 -16.35 32.42 -15.62
CA LYS B 446 -16.29 33.84 -15.96
C LYS B 446 -17.66 34.54 -16.03
N ASP B 447 -18.61 33.93 -16.72
CA ASP B 447 -19.92 34.54 -16.97
C ASP B 447 -20.72 34.72 -15.68
N SER B 448 -20.99 35.97 -15.30
CA SER B 448 -21.65 36.32 -14.03
C SER B 448 -23.02 35.69 -13.83
N GLU B 449 -23.80 35.58 -14.91
CA GLU B 449 -25.15 35.01 -14.86
C GLU B 449 -25.14 33.50 -14.64
N THR B 450 -24.20 32.80 -15.27
CA THR B 450 -23.97 31.37 -15.01
C THR B 450 -23.33 31.19 -13.62
N SER B 451 -22.30 31.99 -13.33
CA SER B 451 -21.60 32.00 -12.05
C SER B 451 -22.52 32.12 -10.83
N GLN B 452 -23.36 33.15 -10.84
CA GLN B 452 -24.26 33.42 -9.72
C GLN B 452 -25.37 32.39 -9.62
N ARG B 453 -25.84 31.88 -10.76
CA ARG B 453 -26.83 30.80 -10.77
C ARG B 453 -26.25 29.46 -10.27
N LEU B 454 -24.94 29.29 -10.40
CA LEU B 454 -24.21 28.16 -9.77
C LEU B 454 -23.93 28.43 -8.29
N ALA B 455 -23.49 29.65 -7.97
CA ALA B 455 -23.24 30.07 -6.57
C ALA B 455 -24.47 29.92 -5.68
N ASN B 456 -25.65 30.16 -6.24
CA ASN B 456 -26.93 29.95 -5.55
C ASN B 456 -27.24 28.46 -5.37
N LEU B 457 -27.03 27.68 -6.43
CA LEU B 457 -27.26 26.22 -6.39
C LEU B 457 -26.30 25.53 -5.41
N ARG B 458 -25.03 25.94 -5.41
CA ARG B 458 -24.04 25.43 -4.46
C ARG B 458 -24.52 25.65 -3.02
N GLN B 459 -24.86 26.90 -2.73
CA GLN B 459 -25.29 27.31 -1.38
C GLN B 459 -26.46 26.46 -0.86
N ARG B 460 -27.42 26.15 -1.73
CA ARG B 460 -28.53 25.26 -1.37
C ARG B 460 -28.08 23.82 -1.12
N VAL B 461 -27.22 23.31 -2.01
CA VAL B 461 -26.68 21.94 -1.90
C VAL B 461 -25.91 21.77 -0.59
N GLU B 462 -25.06 22.76 -0.29
CA GLU B 462 -24.29 22.75 0.95
C GLU B 462 -25.19 22.79 2.20
N GLN B 463 -26.21 23.65 2.20
CA GLN B 463 -27.19 23.69 3.30
C GLN B 463 -27.91 22.37 3.47
N PHE B 464 -28.31 21.77 2.35
CA PHE B 464 -28.99 20.47 2.38
C PHE B 464 -28.08 19.35 2.89
N ALA B 465 -26.84 19.34 2.42
CA ALA B 465 -25.88 18.28 2.74
C ALA B 465 -25.37 18.33 4.19
N ARG B 466 -25.03 19.54 4.66
CA ARG B 466 -24.43 19.74 5.99
C ARG B 466 -25.27 19.17 7.15
N ALA B 467 -26.58 19.26 7.04
CA ALA B 467 -27.48 18.82 8.11
C ALA B 467 -27.44 17.30 8.41
N PHE B 468 -26.94 16.51 7.46
CA PHE B 468 -26.84 15.06 7.65
C PHE B 468 -25.60 14.69 8.46
N PRO B 469 -25.66 13.55 9.21
CA PRO B 469 -24.52 13.13 10.00
C PRO B 469 -23.37 12.64 9.11
N MET B 470 -22.14 12.72 9.63
CA MET B 470 -20.93 12.31 8.93
C MET B 470 -20.19 11.32 9.83
N PRO B 471 -19.88 10.12 9.30
CA PRO B 471 -19.00 9.22 10.06
C PRO B 471 -17.56 9.73 10.23
N GLY B 472 -16.85 9.15 11.19
CA GLY B 472 -15.46 9.50 11.50
C GLY B 472 -15.32 10.48 12.64
N PHE B 473 -14.17 11.16 12.68
CA PHE B 473 -13.88 12.16 13.72
C PHE B 473 -14.63 13.45 13.42
N ASP B 474 -14.70 14.32 14.42
CA ASP B 474 -15.51 15.54 14.31
C ASP B 474 -14.88 16.62 13.41
N GLU B 475 -13.58 16.87 13.56
CA GLU B 475 -12.92 17.98 12.83
C GLU B 475 -11.88 17.59 11.78
N HIS B 476 -11.56 16.30 11.65
CA HIS B 476 -10.55 15.86 10.66
C HIS B 476 -10.81 14.45 10.15
NAU 8Z1 C . 19.33 -11.90 6.31
CAT 8Z1 C . 18.57 -11.16 5.76
CAP 8Z1 C . 17.58 -10.20 5.03
CAO 8Z1 C . 18.14 -9.20 4.21
NAY 8Z1 C . 19.47 -9.11 4.09
OAN 8Z1 C . 17.33 -8.32 3.58
CAM 8Z1 C . 15.99 -8.57 3.46
NAX 8Z1 C . 15.11 -7.98 2.65
NAW 8Z1 C . 13.93 -8.52 2.87
CAV 8Z1 C . 14.10 -9.43 3.82
CAZ 8Z1 C . 12.90 -10.23 4.29
CAL 8Z1 C . 15.40 -9.52 4.22
CAK 8Z1 C . 16.15 -10.31 5.22
CAQ 8Z1 C . 15.86 -9.66 6.64
CAS 8Z1 C . 15.98 -8.11 6.69
CAR 8Z1 C . 14.49 -10.07 7.27
CAD 8Z1 C . 15.85 -11.78 5.17
CAC 8Z1 C . 15.41 -12.45 4.00
CAE 8Z1 C . 16.04 -12.60 6.31
CAF 8Z1 C . 15.78 -13.99 6.33
CAG 8Z1 C . 15.99 -14.76 7.50
FAI 8Z1 C . 15.17 -15.87 7.54
FAJ 8Z1 C . 15.73 -14.01 8.66
FAH 8Z1 C . 17.29 -15.17 7.54
CAB 8Z1 C . 15.34 -14.60 5.15
CAA 8Z1 C . 15.15 -13.84 3.99
NBA 8Z1 C . 14.70 -14.44 2.87
CBB 8Z1 C . 13.67 -13.92 1.91
CBC 8Z1 C . 13.19 -15.12 1.11
CBD 8Z1 C . 13.87 -16.32 1.73
CBE 8Z1 C . 15.14 -15.75 2.31
C1 GOL D . 35.14 -8.85 9.12
O1 GOL D . 34.06 -8.20 8.45
C2 GOL D . 36.44 -8.08 8.90
O2 GOL D . 37.54 -8.98 9.04
C3 GOL D . 36.58 -6.94 9.90
O3 GOL D . 37.17 -5.79 9.26
C1 PEG E . 21.54 18.07 -6.27
O1 PEG E . 21.67 17.37 -7.51
C2 PEG E . 22.10 17.20 -5.15
O2 PEG E . 22.00 17.90 -3.91
C3 PEG E . 22.14 17.03 -2.77
C4 PEG E . 21.99 17.84 -1.49
O4 PEG E . 22.87 17.32 -0.48
C1 PEG F . 18.37 -20.02 -13.22
O1 PEG F . 18.87 -18.95 -14.04
C2 PEG F . 17.29 -19.47 -12.29
O2 PEG F . 16.93 -20.48 -11.33
C3 PEG F . 15.54 -20.56 -11.06
C4 PEG F . 14.83 -21.41 -12.11
O4 PEG F . 13.56 -20.84 -12.43
NAU 8Z1 G . -14.74 5.83 -17.63
CAT 8Z1 G . -14.07 5.19 -16.89
CAP 8Z1 G . -13.17 4.38 -15.91
CAO 8Z1 G . -13.46 3.00 -15.78
NAY 8Z1 G . -14.47 2.46 -16.49
OAN 8Z1 G . -12.73 2.24 -14.93
CAM 8Z1 G . -11.57 2.72 -14.38
NAX 8Z1 G . -10.64 2.04 -13.71
NAW 8Z1 G . -9.70 2.88 -13.34
CAV 8Z1 G . -10.06 4.08 -13.79
CAZ 8Z1 G . -9.15 5.26 -13.53
CAL 8Z1 G . -11.23 4.02 -14.48
CAK 8Z1 G . -12.09 5.01 -15.17
CAQ 8Z1 G . -12.81 5.88 -14.04
CAS 8Z1 G . -13.39 5.04 -12.87
CAR 8Z1 G . -11.95 7.01 -13.42
CAD 8Z1 G . -11.36 5.84 -16.16
CAC 8Z1 G . -10.19 5.41 -16.83
CAE 8Z1 G . -11.85 7.12 -16.55
CAF 8Z1 G . -11.21 7.94 -17.49
CAG 8Z1 G . -11.74 9.22 -17.82
FAI 8Z1 G . -10.75 10.10 -18.23
FAJ 8Z1 G . -12.38 9.79 -16.74
FAH 8Z1 G . -12.65 9.07 -18.85
CAB 8Z1 G . -10.04 7.47 -18.10
CAA 8Z1 G . -9.53 6.22 -17.78
NBA 8Z1 G . -8.40 5.78 -18.39
CBB 8Z1 G . -7.29 5.00 -17.77
CBC 8Z1 G . -6.03 5.46 -18.50
CBD 8Z1 G . -6.52 6.31 -19.67
CBE 8Z1 G . -7.98 5.96 -19.80
C1 GOL H . -20.06 13.22 -27.43
O1 GOL H . -21.00 14.27 -27.66
C2 GOL H . -20.72 11.84 -27.53
O2 GOL H . -19.81 10.85 -27.02
C3 GOL H . -22.03 11.80 -26.73
O3 GOL H . -22.44 10.44 -26.48
N GLY I . -11.02 3.80 -8.65
CA GLY I . -12.42 3.45 -8.31
C GLY I . -13.13 2.74 -9.44
O GLY I . -13.86 3.36 -10.20
OXT GLY I . -13.00 1.52 -9.63
#